data_9H6J
#
_entry.id   9H6J
#
_cell.length_a   60.463
_cell.length_b   136.486
_cell.length_c   87.427
_cell.angle_alpha   90
_cell.angle_beta   96.076
_cell.angle_gamma   90
#
_symmetry.space_group_name_H-M   'P 1 21 1'
#
loop_
_entity.id
_entity.type
_entity.pdbx_description
1 polymer 'Beta-1,4 N-acetylgalactosaminyltransferase 1'
2 non-polymer 'MANGANESE (II) ION'
3 non-polymer 2-acetamido-2-deoxy-beta-D-glucopyranose
4 non-polymer 'ACETIC ACID'
5 water water
#
_entity_poly.entity_id   1
_entity_poly.type   'polypeptide(L)'
_entity_poly.pdbx_seq_one_letter_code
;HHHHHHHHHHGTRRPELPDLAPEPRYAHIPVRIKEQVVGLLAWNNCSCESSGGGLPLPFQKQVRAIDLTKAFDPAELRAA
SATREQEFQAFLSRSQSPADQLLIAPANSPLQYPLQGVEVQPLRSILVPGLSLQAASGQEVYQVNLTASLGTWDVAGEVT
GVTLTGEGQADLTLVSPGLDQLNRQLQLVTYSSRSYQTNTADTVRFSTEGHEAAFTIRIRHPPNPRLYPPGSLPQGAQYN
ISALVTIATKTFLRYDRLRALITSIRRFYPTVTVVIADDSDKPERVSGPYVEHYLMPFGKGWFAGRNLAVSQVTTKYVLW
VDDDFVFTARTRLERLVDVLERTPLDLVGGAVREISGFATTYRQLLSVEPGAPGLGNCLRQRRGFHHELVGFPGCVVTDG
VVNFFLARTDKVREVGFDPRLSRVAHLEFFLDGLGSLRVGSCSDVVVDHASKLKLPWTSRDAGAETYARYRYPGSLDESQ
MAKHRLLFFKHRLQCMTSQ
;
_entity_poly.pdbx_strand_id   A,B
#
# COMPACT_ATOMS: atom_id res chain seq x y z
N ASP A 19 18.69 -24.18 -0.41
CA ASP A 19 19.90 -25.05 -0.34
C ASP A 19 19.92 -25.76 1.01
N LEU A 20 19.89 -27.10 0.98
CA LEU A 20 19.95 -27.88 2.21
C LEU A 20 21.36 -28.41 2.40
N ALA A 21 22.12 -28.53 1.30
CA ALA A 21 23.37 -29.29 1.24
C ALA A 21 24.35 -28.81 2.31
N PRO A 22 25.07 -29.73 3.01
CA PRO A 22 25.99 -29.35 4.08
C PRO A 22 27.22 -28.61 3.57
N GLU A 23 27.63 -27.56 4.30
CA GLU A 23 28.75 -26.72 3.89
C GLU A 23 30.06 -27.46 4.21
N PRO A 24 31.21 -27.12 3.56
CA PRO A 24 32.48 -27.77 3.84
C PRO A 24 32.79 -27.89 5.32
N ARG A 25 32.76 -26.76 6.03
CA ARG A 25 33.11 -26.66 7.44
C ARG A 25 32.32 -27.71 8.26
N TYR A 26 31.13 -28.06 7.76
CA TYR A 26 30.19 -28.91 8.49
C TYR A 26 29.81 -30.14 7.68
N ALA A 27 30.61 -30.46 6.63
CA ALA A 27 30.31 -31.56 5.73
C ALA A 27 30.34 -32.89 6.49
N HIS A 28 31.32 -33.03 7.40
CA HIS A 28 31.49 -34.23 8.20
C HIS A 28 30.29 -34.43 9.13
N ILE A 29 29.77 -33.34 9.69
CA ILE A 29 28.67 -33.42 10.65
C ILE A 29 27.45 -34.12 10.04
N PRO A 30 26.99 -35.25 10.64
CA PRO A 30 25.88 -36.03 10.09
C PRO A 30 24.51 -35.49 10.49
N VAL A 31 23.58 -35.60 9.55
CA VAL A 31 22.22 -35.10 9.72
C VAL A 31 21.26 -36.12 9.10
N ARG A 32 20.21 -36.48 9.85
CA ARG A 32 19.13 -37.31 9.33
C ARG A 32 17.94 -36.40 9.06
N ILE A 33 17.44 -36.41 7.82
CA ILE A 33 16.42 -35.46 7.36
C ILE A 33 15.13 -35.71 8.13
N LYS A 34 14.46 -34.62 8.55
CA LYS A 34 13.09 -34.70 9.06
C LYS A 34 12.11 -34.57 7.91
N GLU A 35 11.60 -35.72 7.49
CA GLU A 35 10.72 -35.86 6.33
C GLU A 35 9.58 -34.87 6.47
N GLN A 36 9.06 -34.74 7.70
CA GLN A 36 7.83 -34.02 8.01
C GLN A 36 8.03 -32.52 7.81
N VAL A 37 9.17 -32.01 8.31
CA VAL A 37 9.47 -30.58 8.38
C VAL A 37 10.00 -30.08 7.04
N VAL A 38 10.83 -30.86 6.33
CA VAL A 38 11.39 -30.45 5.04
C VAL A 38 10.27 -30.30 4.01
N GLY A 39 9.19 -31.07 4.21
CA GLY A 39 7.97 -30.99 3.42
C GLY A 39 7.19 -29.69 3.63
N LEU A 40 7.50 -28.94 4.70
CA LEU A 40 6.84 -27.68 5.01
C LEU A 40 7.41 -26.52 4.21
N LEU A 41 8.61 -26.70 3.66
CA LEU A 41 9.30 -25.61 2.97
C LEU A 41 8.74 -25.48 1.55
N ALA A 42 8.86 -24.30 0.96
CA ALA A 42 8.43 -24.07 -0.41
C ALA A 42 9.50 -24.57 -1.36
N TRP A 43 9.13 -25.53 -2.21
CA TRP A 43 10.10 -26.13 -3.10
C TRP A 43 9.96 -25.61 -4.54
N ASN A 44 9.13 -24.58 -4.72
CA ASN A 44 8.93 -23.87 -5.97
C ASN A 44 8.65 -24.85 -7.11
N ASN A 45 7.83 -25.88 -6.84
CA ASN A 45 7.59 -26.92 -7.83
C ASN A 45 6.12 -27.33 -7.86
N CYS A 46 5.21 -26.47 -7.38
CA CYS A 46 3.80 -26.83 -7.27
C CYS A 46 3.17 -27.20 -8.62
N SER A 47 2.12 -28.03 -8.54
CA SER A 47 1.22 -28.31 -9.66
C SER A 47 -0.20 -28.43 -9.14
N CYS A 48 -1.16 -28.57 -10.06
CA CYS A 48 -2.56 -28.68 -9.71
C CYS A 48 -3.10 -29.99 -10.26
N GLU A 49 -3.58 -30.87 -9.37
CA GLU A 49 -4.07 -32.18 -9.77
C GLU A 49 -5.54 -32.36 -9.38
N SER A 50 -6.30 -33.03 -10.27
CA SER A 50 -7.68 -33.35 -9.99
C SER A 50 -7.77 -34.57 -9.05
N SER A 51 -8.82 -34.63 -8.22
CA SER A 51 -9.23 -35.86 -7.54
C SER A 51 -9.42 -36.95 -8.59
N GLY A 52 -9.11 -38.20 -8.20
CA GLY A 52 -9.46 -39.40 -8.93
C GLY A 52 -10.94 -39.37 -9.31
N GLY A 53 -11.26 -39.86 -10.51
CA GLY A 53 -12.57 -39.51 -11.03
C GLY A 53 -13.59 -40.54 -10.56
N GLY A 54 -14.84 -40.33 -10.95
CA GLY A 54 -15.88 -41.31 -10.75
C GLY A 54 -16.78 -40.91 -9.58
N LEU A 55 -17.40 -41.93 -8.95
CA LEU A 55 -18.31 -41.74 -7.84
C LEU A 55 -17.53 -41.28 -6.61
N PRO A 56 -17.99 -40.23 -5.87
CA PRO A 56 -17.24 -39.71 -4.73
C PRO A 56 -17.42 -40.52 -3.45
N LEU A 57 -16.57 -40.28 -2.44
CA LEU A 57 -16.65 -40.93 -1.12
C LEU A 57 -17.05 -39.94 -0.03
N PRO A 58 -17.73 -40.39 1.05
CA PRO A 58 -18.38 -39.48 1.98
C PRO A 58 -17.48 -38.48 2.71
N PHE A 59 -16.22 -38.85 2.94
CA PHE A 59 -15.43 -37.94 3.76
C PHE A 59 -14.35 -37.26 2.92
N GLN A 60 -14.48 -37.32 1.60
CA GLN A 60 -13.53 -36.83 0.61
C GLN A 60 -14.17 -35.64 -0.10
N LYS A 61 -13.43 -34.57 -0.37
CA LYS A 61 -13.96 -33.51 -1.23
C LYS A 61 -13.27 -33.60 -2.60
N GLN A 62 -14.05 -33.40 -3.65
CA GLN A 62 -13.50 -33.52 -4.99
C GLN A 62 -12.78 -32.23 -5.33
N VAL A 63 -11.47 -32.37 -5.63
CA VAL A 63 -10.59 -31.28 -6.05
C VAL A 63 -10.53 -31.25 -7.57
N ARG A 64 -10.76 -30.08 -8.17
CA ARG A 64 -10.68 -30.04 -9.62
C ARG A 64 -9.69 -28.96 -10.07
N ALA A 65 -8.87 -29.35 -11.06
CA ALA A 65 -7.76 -28.52 -11.50
C ALA A 65 -8.12 -27.75 -12.77
N ILE A 66 -7.57 -26.54 -12.89
CA ILE A 66 -7.63 -25.75 -14.11
C ILE A 66 -6.20 -25.39 -14.51
N ASP A 67 -5.79 -25.83 -15.70
CA ASP A 67 -4.48 -25.52 -16.26
C ASP A 67 -4.62 -24.30 -17.15
N LEU A 68 -4.19 -23.15 -16.63
CA LEU A 68 -4.31 -21.87 -17.29
C LEU A 68 -3.39 -21.84 -18.51
N THR A 69 -2.29 -22.61 -18.53
CA THR A 69 -1.39 -22.58 -19.69
C THR A 69 -2.11 -23.05 -20.96
N LYS A 70 -3.11 -23.91 -20.80
CA LYS A 70 -3.87 -24.45 -21.93
C LYS A 70 -4.82 -23.40 -22.51
N ALA A 71 -4.91 -22.21 -21.91
CA ALA A 71 -5.71 -21.12 -22.48
C ALA A 71 -4.95 -20.38 -23.58
N PHE A 72 -3.73 -20.82 -23.90
CA PHE A 72 -2.88 -20.24 -24.93
C PHE A 72 -2.50 -21.26 -26.00
N ASP A 73 -2.36 -20.76 -27.24
CA ASP A 73 -1.66 -21.46 -28.30
C ASP A 73 -0.21 -21.70 -27.84
N PRO A 74 0.36 -22.92 -28.00
CA PRO A 74 1.69 -23.23 -27.48
C PRO A 74 2.80 -22.27 -27.90
N ALA A 75 2.64 -21.63 -29.06
CA ALA A 75 3.55 -20.59 -29.54
C ALA A 75 3.39 -19.32 -28.71
N GLU A 76 2.14 -18.89 -28.53
CA GLU A 76 1.79 -17.73 -27.74
C GLU A 76 2.18 -17.93 -26.27
N LEU A 77 2.04 -19.16 -25.75
CA LEU A 77 2.43 -19.47 -24.39
C LEU A 77 3.86 -19.00 -24.10
N ARG A 78 4.81 -19.29 -25.01
CA ARG A 78 6.21 -18.94 -24.78
C ARG A 78 6.38 -17.43 -24.65
N ALA A 79 5.81 -16.70 -25.62
CA ALA A 79 5.80 -15.25 -25.68
C ALA A 79 5.23 -14.62 -24.42
N ALA A 80 4.03 -15.07 -24.04
CA ALA A 80 3.34 -14.66 -22.84
C ALA A 80 4.21 -14.84 -21.59
N SER A 81 4.84 -16.03 -21.46
CA SER A 81 5.63 -16.34 -20.28
C SER A 81 6.84 -15.41 -20.19
N ALA A 82 7.48 -15.17 -21.33
CA ALA A 82 8.62 -14.28 -21.45
C ALA A 82 8.24 -12.86 -21.04
N THR A 83 7.25 -12.27 -21.74
CA THR A 83 6.83 -10.90 -21.45
C THR A 83 6.25 -10.77 -20.03
N ARG A 84 5.57 -11.80 -19.51
CA ARG A 84 5.11 -11.78 -18.13
C ARG A 84 6.31 -11.71 -17.19
N GLU A 85 7.38 -12.45 -17.52
CA GLU A 85 8.52 -12.49 -16.64
C GLU A 85 9.19 -11.11 -16.63
N GLN A 86 9.30 -10.51 -17.82
CA GLN A 86 9.89 -9.20 -18.03
C GLN A 86 9.13 -8.12 -17.25
N GLU A 87 7.79 -8.10 -17.36
CA GLU A 87 6.97 -7.13 -16.65
C GLU A 87 7.11 -7.31 -15.14
N PHE A 88 7.28 -8.57 -14.70
CA PHE A 88 7.42 -8.89 -13.29
C PHE A 88 8.75 -8.38 -12.73
N GLN A 89 9.84 -8.55 -13.49
CA GLN A 89 11.16 -8.03 -13.17
C GLN A 89 11.12 -6.51 -13.02
N ALA A 90 10.39 -5.85 -13.94
CA ALA A 90 10.16 -4.41 -13.90
C ALA A 90 9.46 -4.02 -12.61
N PHE A 91 8.40 -4.76 -12.28
CA PHE A 91 7.61 -4.51 -11.09
C PHE A 91 8.50 -4.62 -9.85
N LEU A 92 9.32 -5.68 -9.77
CA LEU A 92 10.21 -5.91 -8.64
C LEU A 92 11.08 -4.69 -8.41
N SER A 93 11.70 -4.20 -9.49
CA SER A 93 12.65 -3.10 -9.45
C SER A 93 12.03 -1.80 -8.94
N ARG A 94 10.73 -1.58 -9.17
CA ARG A 94 10.06 -0.40 -8.68
C ARG A 94 9.37 -0.61 -7.32
N SER A 95 9.40 -1.83 -6.77
CA SER A 95 8.77 -2.13 -5.48
C SER A 95 9.83 -2.24 -4.37
N GLN A 96 10.98 -2.83 -4.72
CA GLN A 96 11.86 -3.36 -3.71
C GLN A 96 12.81 -2.28 -3.25
N SER A 97 13.28 -2.47 -2.01
CA SER A 97 14.04 -1.50 -1.24
C SER A 97 15.27 -2.16 -0.63
N PRO A 98 16.38 -1.43 -0.37
CA PRO A 98 17.47 -1.95 0.44
C PRO A 98 17.04 -2.46 1.82
N ALA A 99 15.82 -2.12 2.23
CA ALA A 99 15.28 -2.56 3.51
C ALA A 99 14.94 -4.04 3.47
N ASP A 100 14.82 -4.57 2.26
CA ASP A 100 14.41 -5.93 1.99
C ASP A 100 15.61 -6.85 1.82
N GLN A 101 16.83 -6.32 1.85
CA GLN A 101 18.04 -7.13 1.79
C GLN A 101 18.17 -7.97 3.06
N LEU A 102 18.67 -9.20 2.90
CA LEU A 102 19.05 -10.03 4.02
C LEU A 102 20.33 -9.49 4.64
N LEU A 103 20.23 -9.02 5.89
CA LEU A 103 21.34 -8.47 6.66
C LEU A 103 21.58 -9.34 7.88
N ILE A 104 22.84 -9.67 8.15
CA ILE A 104 23.21 -10.56 9.24
C ILE A 104 24.02 -9.74 10.24
N ALA A 105 23.56 -9.67 11.50
CA ALA A 105 24.30 -8.95 12.51
C ALA A 105 25.55 -9.72 12.88
N PRO A 106 26.76 -9.11 12.83
CA PRO A 106 27.97 -9.78 13.26
C PRO A 106 27.99 -10.04 14.77
N ALA A 107 28.56 -11.20 15.12
CA ALA A 107 28.88 -11.56 16.48
C ALA A 107 30.20 -10.87 16.87
N ASN A 108 30.35 -10.52 18.16
CA ASN A 108 31.61 -10.04 18.69
C ASN A 108 32.11 -8.83 17.92
N SER A 109 31.32 -7.77 17.94
CA SER A 109 31.74 -6.45 17.47
C SER A 109 31.44 -5.43 18.57
N PRO A 110 32.30 -4.40 18.78
CA PRO A 110 32.05 -3.40 19.81
C PRO A 110 31.02 -2.35 19.39
N LEU A 111 30.47 -2.54 18.19
CA LEU A 111 29.53 -1.64 17.56
C LEU A 111 28.12 -1.95 18.06
N GLN A 112 27.54 -0.96 18.75
CA GLN A 112 26.13 -0.97 19.10
C GLN A 112 25.41 0.00 18.17
N TYR A 113 24.33 -0.49 17.54
CA TYR A 113 23.68 0.27 16.47
C TYR A 113 22.22 -0.12 16.32
N PRO A 114 21.36 0.81 15.84
CA PRO A 114 19.95 0.52 15.69
C PRO A 114 19.71 -0.50 14.58
N LEU A 115 18.87 -1.48 14.92
CA LEU A 115 18.73 -2.67 14.12
C LEU A 115 17.49 -2.50 13.24
N GLN A 116 16.45 -1.86 13.80
CA GLN A 116 15.25 -1.58 13.02
C GLN A 116 14.48 -0.45 13.69
N GLY A 117 13.55 0.15 12.94
CA GLY A 117 12.65 1.16 13.46
C GLY A 117 13.26 2.56 13.49
N VAL A 118 14.28 2.79 12.66
CA VAL A 118 14.80 4.13 12.43
C VAL A 118 14.34 4.57 11.05
N GLU A 119 13.65 5.71 11.03
CA GLU A 119 12.91 6.17 9.88
C GLU A 119 12.88 7.69 9.83
N VAL A 120 12.98 8.26 8.62
CA VAL A 120 12.97 9.71 8.47
C VAL A 120 12.10 10.08 7.28
N GLN A 121 11.53 11.28 7.32
CA GLN A 121 10.77 11.79 6.19
C GLN A 121 11.75 12.24 5.11
N PRO A 122 11.43 12.14 3.80
CA PRO A 122 12.34 12.63 2.77
C PRO A 122 12.72 14.09 2.98
N LEU A 123 14.02 14.37 2.82
CA LEU A 123 14.58 15.71 2.98
C LEU A 123 14.29 16.24 4.38
N ARG A 124 14.27 15.34 5.37
CA ARG A 124 14.21 15.75 6.77
C ARG A 124 15.41 15.19 7.53
N SER A 125 15.48 15.52 8.83
CA SER A 125 16.61 15.15 9.67
C SER A 125 16.10 14.54 10.97
N ILE A 126 16.92 13.67 11.55
CA ILE A 126 16.61 13.00 12.80
C ILE A 126 17.90 12.71 13.55
N LEU A 127 17.81 12.69 14.89
CA LEU A 127 18.85 12.08 15.72
C LEU A 127 18.76 10.56 15.57
N VAL A 128 19.92 9.93 15.34
CA VAL A 128 19.97 8.48 15.18
C VAL A 128 20.04 7.85 16.56
N PRO A 129 19.05 7.03 17.00
CA PRO A 129 19.11 6.37 18.30
C PRO A 129 20.08 5.19 18.36
N GLY A 130 20.70 5.02 19.52
CA GLY A 130 21.30 3.76 19.94
C GLY A 130 22.68 3.51 19.36
N LEU A 131 23.27 4.51 18.70
CA LEU A 131 24.65 4.41 18.26
C LEU A 131 25.58 4.45 19.48
N SER A 132 26.53 3.50 19.56
CA SER A 132 27.64 3.64 20.52
C SER A 132 28.78 2.68 20.22
N LEU A 133 29.94 3.02 20.79
CA LEU A 133 31.13 2.18 20.79
C LEU A 133 31.38 1.68 22.20
N GLN A 134 31.13 0.37 22.41
CA GLN A 134 31.41 -0.34 23.64
C GLN A 134 32.84 -0.91 23.60
N SER A 137 37.80 1.49 28.84
CA SER A 137 37.80 2.74 29.66
C SER A 137 38.75 3.77 29.08
N GLY A 138 40.05 3.46 29.07
CA GLY A 138 41.06 4.43 28.66
C GLY A 138 42.09 3.79 27.75
N GLN A 139 41.98 4.08 26.45
CA GLN A 139 42.90 3.65 25.41
C GLN A 139 43.59 4.84 24.74
N GLU A 140 44.20 4.55 23.58
CA GLU A 140 44.98 5.50 22.81
C GLU A 140 44.05 6.60 22.27
N VAL A 141 43.05 6.17 21.49
CA VAL A 141 42.09 7.04 20.82
C VAL A 141 41.03 6.16 20.17
N TYR A 142 39.79 6.66 20.14
CA TYR A 142 38.64 5.89 19.67
C TYR A 142 38.04 6.59 18.46
N GLN A 143 37.77 5.79 17.40
CA GLN A 143 37.39 6.30 16.09
C GLN A 143 36.30 5.40 15.51
N VAL A 144 35.25 6.06 15.01
CA VAL A 144 34.11 5.41 14.40
C VAL A 144 33.78 6.12 13.08
N ASN A 145 33.48 5.32 12.04
CA ASN A 145 33.11 5.75 10.70
C ASN A 145 31.62 5.49 10.46
N LEU A 146 30.92 6.49 9.90
CA LEU A 146 29.55 6.34 9.45
C LEU A 146 29.51 6.68 7.96
N THR A 147 28.88 5.79 7.17
CA THR A 147 28.74 5.96 5.72
C THR A 147 27.27 5.84 5.36
N ALA A 148 26.80 6.75 4.50
CA ALA A 148 25.44 6.73 3.99
C ALA A 148 25.48 6.84 2.46
N SER A 149 24.32 6.73 1.80
CA SER A 149 24.30 6.84 0.34
C SER A 149 23.20 7.79 -0.16
N LEU A 150 22.23 8.14 0.69
CA LEU A 150 21.10 8.99 0.32
C LEU A 150 20.94 10.13 1.34
N GLY A 151 21.92 10.28 2.24
CA GLY A 151 21.83 11.32 3.27
C GLY A 151 23.20 11.78 3.75
N THR A 152 23.21 12.69 4.74
CA THR A 152 24.45 13.27 5.23
C THR A 152 24.39 13.37 6.76
N TRP A 153 25.57 13.20 7.39
CA TRP A 153 25.67 13.13 8.83
C TRP A 153 26.05 14.50 9.39
N ASP A 154 25.51 14.83 10.56
CA ASP A 154 25.95 16.00 11.32
C ASP A 154 25.66 15.76 12.80
N VAL A 155 25.96 16.74 13.67
CA VAL A 155 25.76 16.53 15.10
C VAL A 155 24.78 17.56 15.71
N GLU A 158 28.69 20.00 19.36
CA GLU A 158 30.11 19.59 19.46
C GLU A 158 30.44 19.23 20.90
N VAL A 159 30.85 17.98 21.15
CA VAL A 159 31.27 17.52 22.46
C VAL A 159 32.75 17.88 22.64
N THR A 160 33.10 18.51 23.78
CA THR A 160 34.47 18.86 24.10
C THR A 160 35.37 17.63 24.04
N GLY A 161 36.44 17.71 23.23
CA GLY A 161 37.41 16.64 23.11
C GLY A 161 37.24 15.80 21.86
N VAL A 162 36.12 15.95 21.13
CA VAL A 162 35.83 15.07 19.99
C VAL A 162 36.01 15.80 18.66
N THR A 163 36.81 15.20 17.75
CA THR A 163 37.15 15.74 16.43
C THR A 163 36.28 15.08 15.35
N LEU A 164 35.63 15.92 14.55
CA LEU A 164 34.73 15.46 13.50
C LEU A 164 35.31 15.78 12.11
N THR A 165 35.20 14.82 11.20
CA THR A 165 35.65 14.92 9.82
C THR A 165 34.52 14.48 8.90
N GLY A 166 33.89 15.45 8.22
CA GLY A 166 32.92 15.09 7.20
C GLY A 166 31.50 15.51 7.56
N GLU A 167 31.34 16.46 8.49
CA GLU A 167 30.02 16.98 8.86
C GLU A 167 29.34 17.56 7.63
N GLY A 168 28.12 17.11 7.36
CA GLY A 168 27.42 17.53 6.16
C GLY A 168 27.82 16.75 4.90
N GLN A 169 28.55 15.63 5.06
CA GLN A 169 28.89 14.74 3.96
C GLN A 169 28.34 13.33 4.24
N ALA A 170 28.45 12.46 3.21
CA ALA A 170 27.94 11.10 3.25
C ALA A 170 28.82 10.20 4.12
N ASP A 171 30.11 10.54 4.24
CA ASP A 171 31.07 9.83 5.09
C ASP A 171 31.48 10.73 6.27
N LEU A 172 31.31 10.21 7.49
CA LEU A 172 31.64 10.96 8.71
C LEU A 172 32.57 10.12 9.58
N THR A 173 33.66 10.76 10.06
CA THR A 173 34.53 10.15 11.03
C THR A 173 34.43 10.91 12.36
N LEU A 174 34.26 10.18 13.46
CA LEU A 174 34.34 10.74 14.80
C LEU A 174 35.57 10.17 15.48
N VAL A 175 36.46 11.05 15.98
CA VAL A 175 37.68 10.66 16.68
C VAL A 175 37.73 11.38 18.03
N SER A 176 37.99 10.63 19.10
CA SER A 176 37.98 11.19 20.45
C SER A 176 38.84 10.35 21.40
N PRO A 177 39.72 10.99 22.22
CA PRO A 177 40.41 10.27 23.29
C PRO A 177 39.47 9.82 24.41
N GLY A 178 38.41 10.62 24.63
CA GLY A 178 37.34 10.25 25.55
C GLY A 178 36.35 9.27 24.91
N LEU A 179 36.32 8.05 25.47
CA LEU A 179 35.33 7.06 25.08
C LEU A 179 33.93 7.55 25.50
N ASP A 180 33.79 7.99 26.77
CA ASP A 180 32.55 8.62 27.25
C ASP A 180 32.15 9.77 26.33
N GLN A 181 33.12 10.64 26.01
CA GLN A 181 32.90 11.73 25.07
C GLN A 181 32.38 11.21 23.73
N LEU A 182 33.11 10.28 23.09
CA LEU A 182 32.76 9.74 21.77
C LEU A 182 31.29 9.28 21.75
N ASN A 183 30.91 8.53 22.80
CA ASN A 183 29.58 7.96 22.95
C ASN A 183 28.55 9.07 23.19
N ARG A 184 28.90 10.11 23.95
CA ARG A 184 28.01 11.24 24.15
C ARG A 184 27.74 11.94 22.82
N GLN A 185 28.75 12.04 21.95
CA GLN A 185 28.58 12.71 20.67
C GLN A 185 27.69 11.83 19.77
N LEU A 186 27.89 10.51 19.86
CA LEU A 186 27.06 9.55 19.14
C LEU A 186 25.59 9.71 19.52
N GLN A 187 25.28 10.10 20.77
CA GLN A 187 23.92 10.35 21.21
C GLN A 187 23.34 11.56 20.46
N LEU A 188 24.20 12.32 19.79
CA LEU A 188 23.83 13.59 19.17
C LEU A 188 24.05 13.53 17.65
N VAL A 189 24.40 12.36 17.11
CA VAL A 189 24.59 12.20 15.67
C VAL A 189 23.23 12.31 14.97
N THR A 190 23.19 13.13 13.92
CA THR A 190 21.97 13.29 13.15
C THR A 190 22.19 12.76 11.73
N TYR A 191 21.13 12.20 11.15
CA TYR A 191 21.08 11.86 9.74
C TYR A 191 20.06 12.77 9.05
N SER A 192 20.43 13.26 7.87
CA SER A 192 19.57 14.06 7.03
C SER A 192 19.44 13.39 5.67
N SER A 193 18.19 13.20 5.21
CA SER A 193 17.92 12.79 3.83
C SER A 193 18.26 13.95 2.89
N ARG A 194 19.00 13.63 1.82
CA ARG A 194 19.60 14.66 0.99
C ARG A 194 18.98 14.70 -0.40
N SER A 195 18.43 13.57 -0.82
CA SER A 195 17.73 13.54 -2.08
C SER A 195 16.30 13.06 -1.83
N TYR A 196 15.39 13.57 -2.66
CA TYR A 196 13.99 13.24 -2.51
C TYR A 196 13.69 11.90 -3.20
N GLN A 197 13.19 10.95 -2.41
CA GLN A 197 12.41 9.84 -2.94
C GLN A 197 11.23 9.61 -2.01
N THR A 198 10.22 8.93 -2.55
CA THR A 198 8.92 8.80 -1.93
C THR A 198 8.94 7.76 -0.81
N ASN A 199 9.61 6.63 -1.06
CA ASN A 199 9.54 5.51 -0.15
C ASN A 199 10.66 4.55 -0.48
N THR A 200 11.79 4.72 0.21
CA THR A 200 12.95 3.90 -0.06
C THR A 200 13.70 3.74 1.26
N ALA A 201 14.97 3.36 1.18
CA ALA A 201 15.77 3.21 2.37
C ALA A 201 17.23 3.30 1.98
N ASP A 202 18.02 3.61 3.00
CA ASP A 202 19.44 3.84 2.83
C ASP A 202 20.14 2.89 3.79
N THR A 203 20.96 2.01 3.22
CA THR A 203 21.71 1.08 4.05
C THR A 203 23.03 1.74 4.43
N VAL A 204 23.16 2.15 5.70
CA VAL A 204 24.35 2.80 6.22
C VAL A 204 25.39 1.76 6.68
N ARG A 205 26.69 2.12 6.66
CA ARG A 205 27.75 1.34 7.31
C ARG A 205 28.31 2.08 8.52
N PHE A 206 28.29 1.40 9.68
CA PHE A 206 28.90 1.87 10.91
C PHE A 206 30.11 0.97 11.16
N SER A 207 31.26 1.60 11.44
CA SER A 207 32.51 0.85 11.47
C SER A 207 33.52 1.45 12.45
N THR A 208 34.39 0.56 12.94
CA THR A 208 35.52 0.92 13.77
C THR A 208 36.66 0.00 13.33
N GLU A 209 37.81 0.05 14.00
CA GLU A 209 38.95 -0.73 13.53
C GLU A 209 38.59 -2.22 13.50
N GLY A 210 38.70 -2.84 12.32
CA GLY A 210 38.53 -4.28 12.13
C GLY A 210 37.12 -4.80 12.37
N HIS A 211 36.11 -3.91 12.34
CA HIS A 211 34.72 -4.26 12.62
C HIS A 211 33.78 -3.42 11.76
N GLU A 212 32.71 -4.06 11.29
CA GLU A 212 31.82 -3.54 10.27
C GLU A 212 30.38 -3.95 10.61
N ALA A 213 29.44 -3.00 10.49
CA ALA A 213 28.03 -3.26 10.72
C ALA A 213 27.20 -2.54 9.67
N ALA A 214 26.28 -3.28 9.01
CA ALA A 214 25.28 -2.67 8.15
C ALA A 214 23.93 -2.54 8.85
N PHE A 215 23.22 -1.43 8.60
CA PHE A 215 21.83 -1.23 9.06
C PHE A 215 21.13 -0.21 8.15
N THR A 216 19.80 -0.14 8.24
CA THR A 216 19.04 0.57 7.23
C THR A 216 18.18 1.66 7.87
N ILE A 217 18.25 2.88 7.33
CA ILE A 217 17.31 3.92 7.70
C ILE A 217 16.26 3.99 6.59
N ARG A 218 15.00 3.86 6.99
CA ARG A 218 13.89 3.95 6.07
C ARG A 218 13.61 5.44 5.81
N ILE A 219 13.49 5.80 4.54
CA ILE A 219 13.14 7.14 4.11
C ILE A 219 11.74 7.09 3.48
N ARG A 220 10.73 7.66 4.15
CA ARG A 220 9.37 7.64 3.62
C ARG A 220 8.51 8.71 4.28
N HIS A 221 7.40 9.03 3.61
CA HIS A 221 6.37 9.88 4.17
C HIS A 221 5.51 9.03 5.08
N PRO A 222 4.93 9.60 6.15
CA PRO A 222 3.94 8.89 6.95
C PRO A 222 2.68 8.64 6.13
N PRO A 223 1.88 7.58 6.40
CA PRO A 223 0.77 7.22 5.52
C PRO A 223 -0.42 8.17 5.61
N ASN A 224 -1.20 8.27 4.52
CA ASN A 224 -2.38 9.12 4.49
C ASN A 224 -3.41 8.47 5.41
N PRO A 225 -3.82 9.07 6.55
CA PRO A 225 -4.68 8.37 7.50
C PRO A 225 -6.16 8.33 7.09
N ARG A 226 -6.55 9.23 6.16
CA ARG A 226 -7.86 9.24 5.51
C ARG A 226 -9.00 9.10 6.52
N LEU A 227 -9.04 10.03 7.47
CA LEU A 227 -10.03 10.09 8.53
C LEU A 227 -11.35 10.65 7.99
N TYR A 228 -12.49 10.14 8.50
CA TYR A 228 -13.80 10.56 8.01
C TYR A 228 -14.48 11.51 8.99
N PRO A 229 -14.96 12.70 8.54
CA PRO A 229 -15.76 13.55 9.41
C PRO A 229 -17.01 12.81 9.92
N PRO A 230 -17.52 13.10 11.13
CA PRO A 230 -18.74 12.47 11.60
C PRO A 230 -20.05 13.19 11.23
N GLY A 231 -20.03 14.50 10.95
CA GLY A 231 -21.20 15.29 11.36
C GLY A 231 -21.07 15.65 12.87
N GLN A 238 -26.16 5.13 19.32
CA GLN A 238 -25.70 4.06 18.38
C GLN A 238 -25.02 4.70 17.16
N TYR A 239 -25.29 4.16 15.97
CA TYR A 239 -24.57 4.49 14.73
C TYR A 239 -25.53 5.07 13.71
N ASN A 240 -25.09 6.16 13.05
CA ASN A 240 -25.93 6.80 12.04
C ASN A 240 -25.71 6.05 10.73
N ILE A 241 -26.63 5.14 10.36
CA ILE A 241 -26.36 4.31 9.17
C ILE A 241 -26.25 5.14 7.89
N SER A 242 -27.09 6.17 7.73
CA SER A 242 -27.07 7.07 6.59
C SER A 242 -25.74 7.81 6.42
N ALA A 243 -25.07 8.09 7.54
CA ALA A 243 -23.80 8.79 7.54
C ALA A 243 -22.66 7.84 7.25
N LEU A 244 -22.81 6.60 7.68
CA LEU A 244 -21.66 5.71 7.69
C LEU A 244 -21.65 4.79 6.48
N VAL A 245 -22.83 4.57 5.87
CA VAL A 245 -22.97 3.47 4.93
C VAL A 245 -23.60 3.99 3.64
N THR A 246 -22.97 3.62 2.49
CA THR A 246 -23.63 3.69 1.19
C THR A 246 -23.88 2.27 0.68
N ILE A 247 -25.06 2.06 0.07
CA ILE A 247 -25.34 0.75 -0.53
C ILE A 247 -25.03 0.83 -2.02
N ALA A 248 -24.23 -0.11 -2.51
CA ALA A 248 -23.80 -0.10 -3.90
C ALA A 248 -24.26 -1.38 -4.60
N THR A 249 -24.80 -1.23 -5.81
CA THR A 249 -25.18 -2.38 -6.62
C THR A 249 -24.93 -2.11 -8.10
N LYS A 250 -25.04 -3.18 -8.88
CA LYS A 250 -24.94 -3.15 -10.33
C LYS A 250 -26.09 -3.97 -10.91
N THR A 251 -26.76 -3.42 -11.92
CA THR A 251 -27.93 -4.02 -12.53
C THR A 251 -27.73 -4.14 -14.03
N PHE A 252 -28.48 -5.05 -14.66
CA PHE A 252 -28.55 -5.13 -16.11
C PHE A 252 -29.85 -5.77 -16.54
N LEU A 253 -30.76 -4.95 -17.08
CA LEU A 253 -32.07 -5.37 -17.56
C LEU A 253 -32.85 -6.18 -16.50
N ARG A 254 -32.77 -5.79 -15.22
CA ARG A 254 -33.49 -6.53 -14.21
C ARG A 254 -34.14 -5.56 -13.24
N TYR A 255 -34.87 -4.60 -13.82
CA TYR A 255 -35.42 -3.47 -13.09
C TYR A 255 -36.43 -3.92 -12.04
N ASP A 256 -37.11 -5.03 -12.32
CA ASP A 256 -38.08 -5.59 -11.40
C ASP A 256 -37.39 -5.95 -10.08
N ARG A 257 -36.31 -6.74 -10.18
CA ARG A 257 -35.55 -7.19 -9.02
C ARG A 257 -34.98 -5.98 -8.28
N LEU A 258 -34.42 -5.03 -9.06
CA LEU A 258 -33.80 -3.84 -8.52
C LEU A 258 -34.78 -2.99 -7.71
N ARG A 259 -36.00 -2.81 -8.23
CA ARG A 259 -36.97 -1.97 -7.56
C ARG A 259 -37.46 -2.63 -6.28
N ALA A 260 -37.67 -3.96 -6.33
CA ALA A 260 -38.00 -4.75 -5.15
C ALA A 260 -36.92 -4.57 -4.08
N LEU A 261 -35.64 -4.61 -4.50
CA LEU A 261 -34.51 -4.40 -3.62
C LEU A 261 -34.64 -3.03 -2.95
N ILE A 262 -34.80 -1.98 -3.75
CA ILE A 262 -34.83 -0.63 -3.21
C ILE A 262 -36.01 -0.45 -2.25
N THR A 263 -37.18 -0.98 -2.63
CA THR A 263 -38.35 -0.98 -1.77
C THR A 263 -38.05 -1.69 -0.44
N SER A 264 -37.35 -2.83 -0.51
CA SER A 264 -37.09 -3.61 0.69
C SER A 264 -36.12 -2.84 1.59
N ILE A 265 -35.12 -2.20 0.98
CA ILE A 265 -34.16 -1.45 1.77
C ILE A 265 -34.88 -0.35 2.54
N ARG A 266 -35.79 0.34 1.82
CA ARG A 266 -36.48 1.51 2.34
C ARG A 266 -37.41 1.14 3.49
N ARG A 267 -37.85 -0.13 3.52
CA ARG A 267 -38.68 -0.65 4.59
C ARG A 267 -37.94 -0.62 5.93
N PHE A 268 -36.58 -0.56 5.92
CA PHE A 268 -35.78 -0.59 7.14
C PHE A 268 -34.84 0.61 7.24
N TYR A 269 -34.44 1.17 6.08
CA TYR A 269 -33.46 2.25 6.02
C TYR A 269 -33.92 3.29 5.01
N PRO A 270 -34.68 4.32 5.46
CA PRO A 270 -35.35 5.22 4.54
C PRO A 270 -34.42 6.25 3.90
N THR A 271 -33.27 6.54 4.53
CA THR A 271 -32.43 7.61 4.04
C THR A 271 -31.01 7.16 3.65
N VAL A 272 -30.74 5.86 3.67
CA VAL A 272 -29.45 5.38 3.19
C VAL A 272 -29.38 5.52 1.67
N THR A 273 -28.28 6.09 1.16
CA THR A 273 -28.07 6.25 -0.27
C THR A 273 -27.81 4.90 -0.92
N VAL A 274 -28.46 4.69 -2.07
CA VAL A 274 -28.23 3.55 -2.93
C VAL A 274 -27.63 4.08 -4.24
N VAL A 275 -26.42 3.60 -4.55
CA VAL A 275 -25.74 3.84 -5.81
C VAL A 275 -25.98 2.64 -6.74
N ILE A 276 -26.42 2.93 -7.97
CA ILE A 276 -26.75 1.90 -8.96
C ILE A 276 -25.97 2.14 -10.25
N ALA A 277 -25.01 1.24 -10.53
CA ALA A 277 -24.33 1.27 -11.81
C ALA A 277 -25.12 0.39 -12.78
N ASP A 278 -25.25 0.83 -14.04
CA ASP A 278 -26.22 0.23 -14.93
C ASP A 278 -25.65 0.25 -16.35
N ASP A 279 -25.54 -0.92 -17.01
CA ASP A 279 -25.04 -0.99 -18.38
C ASP A 279 -26.10 -1.55 -19.34
N SER A 280 -27.38 -1.42 -18.98
CA SER A 280 -28.52 -1.80 -19.81
C SER A 280 -28.47 -1.03 -21.13
N ASP A 281 -28.93 -1.66 -22.22
CA ASP A 281 -29.01 -1.01 -23.52
C ASP A 281 -30.05 0.10 -23.54
N LYS A 282 -31.28 -0.21 -23.12
CA LYS A 282 -32.33 0.79 -23.06
C LYS A 282 -32.68 0.99 -21.59
N PRO A 283 -31.93 1.85 -20.87
CA PRO A 283 -32.11 1.98 -19.44
C PRO A 283 -33.42 2.63 -19.05
N GLU A 284 -34.14 2.00 -18.10
CA GLU A 284 -35.29 2.63 -17.48
C GLU A 284 -34.81 3.71 -16.51
N ARG A 285 -35.68 4.67 -16.22
CA ARG A 285 -35.42 5.64 -15.16
C ARG A 285 -35.59 4.97 -13.80
N VAL A 286 -34.55 5.09 -12.98
CA VAL A 286 -34.61 4.71 -11.58
C VAL A 286 -34.33 5.97 -10.77
N SER A 287 -35.27 6.30 -9.89
CA SER A 287 -35.12 7.48 -9.05
C SER A 287 -36.00 7.30 -7.82
N GLY A 288 -35.77 8.17 -6.85
CA GLY A 288 -36.50 8.23 -5.60
C GLY A 288 -35.56 8.91 -4.62
N PRO A 289 -35.99 9.29 -3.41
CA PRO A 289 -35.05 9.86 -2.46
C PRO A 289 -33.88 8.92 -2.19
N TYR A 290 -32.69 9.52 -2.19
CA TYR A 290 -31.44 8.87 -1.84
C TYR A 290 -31.09 7.74 -2.81
N VAL A 291 -31.50 7.84 -4.08
CA VAL A 291 -31.02 6.92 -5.10
C VAL A 291 -30.20 7.66 -6.17
N GLU A 292 -29.02 7.13 -6.51
CA GLU A 292 -28.15 7.71 -7.52
C GLU A 292 -27.91 6.66 -8.60
N HIS A 293 -28.36 6.98 -9.82
CA HIS A 293 -28.33 6.03 -10.92
C HIS A 293 -27.30 6.47 -11.95
N TYR A 294 -26.36 5.59 -12.29
CA TYR A 294 -25.28 5.86 -13.23
C TYR A 294 -25.41 4.95 -14.46
N LEU A 295 -25.45 5.55 -15.66
CA LEU A 295 -25.59 4.79 -16.90
C LEU A 295 -24.24 4.60 -17.61
N MET A 296 -23.93 3.36 -17.96
CA MET A 296 -22.68 2.96 -18.57
C MET A 296 -22.93 2.59 -20.04
N PRO A 297 -21.90 2.67 -20.91
CA PRO A 297 -22.00 2.11 -22.26
C PRO A 297 -22.51 0.68 -22.22
N PHE A 298 -23.44 0.33 -23.11
CA PHE A 298 -24.13 -0.96 -23.09
C PHE A 298 -23.12 -2.10 -23.02
N GLY A 299 -23.26 -2.95 -21.98
CA GLY A 299 -22.42 -4.13 -21.79
C GLY A 299 -20.97 -3.80 -21.43
N LYS A 300 -20.73 -2.63 -20.82
CA LYS A 300 -19.41 -2.28 -20.28
C LYS A 300 -18.95 -3.38 -19.31
N GLY A 301 -19.86 -3.85 -18.43
CA GLY A 301 -19.63 -5.09 -17.72
C GLY A 301 -19.89 -5.03 -16.22
N TRP A 302 -19.76 -6.22 -15.62
CA TRP A 302 -20.01 -6.55 -14.23
C TRP A 302 -19.01 -5.82 -13.31
N PHE A 303 -17.78 -6.30 -13.19
CA PHE A 303 -16.79 -5.65 -12.32
C PHE A 303 -16.56 -4.17 -12.66
N ALA A 304 -16.61 -3.80 -13.94
CA ALA A 304 -16.52 -2.39 -14.29
C ALA A 304 -17.59 -1.58 -13.57
N GLY A 305 -18.83 -2.09 -13.58
CA GLY A 305 -19.98 -1.47 -12.91
C GLY A 305 -19.83 -1.43 -11.40
N ARG A 306 -19.17 -2.45 -10.81
CA ARG A 306 -18.90 -2.50 -9.38
C ARG A 306 -17.86 -1.44 -9.02
N ASN A 307 -16.83 -1.30 -9.85
CA ASN A 307 -15.76 -0.31 -9.70
C ASN A 307 -16.39 1.07 -9.79
N LEU A 308 -17.31 1.22 -10.75
CA LEU A 308 -18.00 2.48 -10.93
C LEU A 308 -18.73 2.87 -9.65
N ALA A 309 -19.56 1.97 -9.12
CA ALA A 309 -20.40 2.19 -7.95
C ALA A 309 -19.58 2.62 -6.74
N VAL A 310 -18.51 1.88 -6.47
CA VAL A 310 -17.67 2.21 -5.32
C VAL A 310 -16.95 3.56 -5.50
N SER A 311 -16.68 3.97 -6.74
CA SER A 311 -15.89 5.19 -6.96
C SER A 311 -16.72 6.41 -6.55
N GLN A 312 -18.03 6.21 -6.35
CA GLN A 312 -18.95 7.30 -6.10
C GLN A 312 -19.32 7.41 -4.62
N VAL A 313 -18.80 6.49 -3.80
CA VAL A 313 -19.14 6.44 -2.39
C VAL A 313 -18.31 7.44 -1.59
N THR A 314 -18.99 8.26 -0.77
CA THR A 314 -18.34 9.26 0.08
C THR A 314 -18.42 8.88 1.56
N THR A 315 -18.97 7.71 1.89
CA THR A 315 -19.15 7.33 3.29
C THR A 315 -17.98 6.45 3.72
N LYS A 316 -17.80 6.28 5.03
CA LYS A 316 -16.70 5.49 5.55
C LYS A 316 -16.80 4.05 5.05
N TYR A 317 -18.05 3.57 4.92
CA TYR A 317 -18.35 2.19 4.60
C TYR A 317 -19.25 2.08 3.36
N VAL A 318 -19.10 0.96 2.64
CA VAL A 318 -19.91 0.59 1.49
C VAL A 318 -20.44 -0.80 1.77
N LEU A 319 -21.72 -1.01 1.40
CA LEU A 319 -22.35 -2.32 1.44
C LEU A 319 -22.62 -2.80 0.02
N TRP A 320 -21.99 -3.92 -0.36
CA TRP A 320 -22.32 -4.53 -1.65
C TRP A 320 -23.54 -5.42 -1.52
N VAL A 321 -24.53 -5.24 -2.40
CA VAL A 321 -25.68 -6.12 -2.54
C VAL A 321 -25.91 -6.34 -4.02
N ASP A 322 -26.33 -7.56 -4.38
CA ASP A 322 -26.69 -7.86 -5.76
C ASP A 322 -28.08 -7.33 -6.04
N ASP A 323 -28.38 -7.10 -7.33
CA ASP A 323 -29.67 -6.48 -7.68
C ASP A 323 -30.83 -7.43 -7.41
N ASP A 324 -30.54 -8.72 -7.15
CA ASP A 324 -31.56 -9.74 -6.94
C ASP A 324 -31.78 -10.01 -5.44
N PHE A 325 -31.36 -9.08 -4.58
CA PHE A 325 -31.49 -9.29 -3.14
C PHE A 325 -32.75 -8.64 -2.58
N VAL A 326 -33.09 -9.04 -1.35
CA VAL A 326 -34.24 -8.51 -0.62
C VAL A 326 -33.87 -8.38 0.86
N PHE A 327 -34.14 -7.18 1.41
CA PHE A 327 -33.91 -6.92 2.82
C PHE A 327 -35.10 -7.47 3.61
N THR A 328 -34.79 -7.99 4.80
CA THR A 328 -35.75 -8.50 5.74
C THR A 328 -35.34 -7.97 7.11
N ALA A 329 -36.13 -8.27 8.15
CA ALA A 329 -35.76 -7.84 9.48
C ALA A 329 -34.44 -8.46 9.92
N ARG A 330 -33.94 -9.46 9.17
CA ARG A 330 -32.67 -10.10 9.44
C ARG A 330 -31.49 -9.33 8.84
N THR A 331 -31.77 -8.35 7.96
CA THR A 331 -30.71 -7.52 7.40
C THR A 331 -30.36 -6.37 8.34
N ARG A 332 -29.83 -6.70 9.52
CA ARG A 332 -29.55 -5.69 10.53
C ARG A 332 -28.13 -5.16 10.35
N LEU A 333 -27.99 -4.09 9.55
CA LEU A 333 -26.71 -3.62 9.06
C LEU A 333 -25.82 -3.19 10.21
N GLU A 334 -26.47 -2.73 11.29
CA GLU A 334 -25.85 -2.21 12.48
C GLU A 334 -24.80 -3.19 13.02
N ARG A 335 -25.05 -4.48 12.83
CA ARG A 335 -24.20 -5.52 13.37
C ARG A 335 -22.92 -5.56 12.56
N LEU A 336 -23.05 -5.44 11.22
CA LEU A 336 -21.88 -5.38 10.35
C LEU A 336 -21.07 -4.11 10.65
N VAL A 337 -21.76 -2.98 10.80
CA VAL A 337 -21.13 -1.73 11.20
C VAL A 337 -20.30 -1.93 12.47
N ASP A 338 -20.95 -2.56 13.46
CA ASP A 338 -20.37 -2.84 14.76
C ASP A 338 -19.04 -3.56 14.59
N VAL A 339 -19.01 -4.56 13.69
CA VAL A 339 -17.86 -5.42 13.54
C VAL A 339 -16.68 -4.56 13.07
N LEU A 340 -16.92 -3.69 12.08
CA LEU A 340 -15.84 -2.94 11.44
C LEU A 340 -15.40 -1.80 12.34
N GLU A 341 -16.35 -1.28 13.13
CA GLU A 341 -16.06 -0.26 14.13
C GLU A 341 -15.19 -0.81 15.27
N ARG A 342 -15.34 -2.10 15.61
CA ARG A 342 -14.73 -2.65 16.82
C ARG A 342 -13.61 -3.65 16.50
N THR A 343 -13.28 -3.89 15.23
CA THR A 343 -12.24 -4.86 14.89
C THR A 343 -11.37 -4.27 13.78
N PRO A 344 -10.13 -4.77 13.62
CA PRO A 344 -9.30 -4.46 12.47
C PRO A 344 -9.72 -5.02 11.11
N LEU A 345 -10.93 -5.55 10.98
CA LEU A 345 -11.36 -6.07 9.70
C LEU A 345 -11.62 -4.93 8.72
N ASP A 346 -11.46 -5.23 7.42
CA ASP A 346 -11.71 -4.24 6.38
C ASP A 346 -13.04 -4.53 5.71
N LEU A 347 -13.36 -5.84 5.61
CA LEU A 347 -14.55 -6.33 4.93
C LEU A 347 -15.20 -7.40 5.78
N VAL A 348 -16.53 -7.32 5.95
CA VAL A 348 -17.25 -8.34 6.69
C VAL A 348 -18.50 -8.78 5.90
N GLY A 349 -18.53 -10.06 5.52
CA GLY A 349 -19.64 -10.58 4.76
C GLY A 349 -20.76 -11.00 5.69
N GLY A 350 -22.01 -10.88 5.20
CA GLY A 350 -23.18 -11.49 5.81
C GLY A 350 -23.47 -12.84 5.17
N ALA A 351 -24.73 -13.26 5.27
CA ALA A 351 -25.18 -14.50 4.66
C ALA A 351 -26.33 -14.19 3.71
N VAL A 352 -26.38 -14.94 2.61
CA VAL A 352 -27.46 -14.82 1.65
C VAL A 352 -28.29 -16.09 1.71
N ARG A 353 -29.61 -15.90 1.88
CA ARG A 353 -30.56 -17.00 2.07
C ARG A 353 -31.38 -17.16 0.81
N GLU A 354 -31.23 -18.35 0.19
CA GLU A 354 -32.03 -18.76 -0.98
C GLU A 354 -33.48 -19.00 -0.56
N ILE A 355 -34.40 -18.91 -1.51
CA ILE A 355 -35.81 -19.17 -1.19
C ILE A 355 -36.02 -20.63 -0.78
N SER A 356 -35.08 -21.54 -1.10
CA SER A 356 -34.99 -22.90 -0.58
C SER A 356 -34.73 -22.92 0.94
N GLY A 357 -34.39 -21.77 1.53
CA GLY A 357 -34.23 -21.64 2.98
C GLY A 357 -32.79 -21.81 3.45
N PHE A 358 -31.89 -22.28 2.56
CA PHE A 358 -30.47 -22.38 2.89
C PHE A 358 -29.80 -21.01 2.77
N ALA A 359 -29.05 -20.61 3.82
CA ALA A 359 -28.32 -19.36 3.83
C ALA A 359 -26.82 -19.62 3.84
N THR A 360 -26.11 -19.08 2.83
CA THR A 360 -24.68 -19.29 2.73
C THR A 360 -23.91 -18.00 3.02
N THR A 361 -22.76 -18.18 3.66
CA THR A 361 -21.84 -17.09 3.90
C THR A 361 -20.70 -17.17 2.89
N TYR A 362 -20.64 -18.29 2.16
CA TYR A 362 -19.64 -18.58 1.13
C TYR A 362 -18.21 -18.30 1.60
N ARG A 363 -17.87 -18.78 2.80
CA ARG A 363 -16.54 -18.60 3.36
C ARG A 363 -15.50 -19.39 2.57
N GLN A 364 -14.53 -18.69 1.97
CA GLN A 364 -13.54 -19.34 1.14
C GLN A 364 -12.13 -19.03 1.65
N LEU A 365 -11.26 -20.02 1.49
CA LEU A 365 -9.83 -19.85 1.67
C LEU A 365 -9.14 -19.82 0.31
N LEU A 366 -8.25 -18.84 0.13
CA LEU A 366 -7.47 -18.68 -1.09
C LEU A 366 -5.99 -18.61 -0.71
N SER A 367 -5.19 -19.53 -1.26
CA SER A 367 -3.77 -19.44 -1.00
C SER A 367 -2.99 -19.67 -2.29
N VAL A 368 -1.87 -18.96 -2.43
CA VAL A 368 -1.03 -19.16 -3.59
C VAL A 368 0.25 -19.86 -3.17
N GLU A 369 0.59 -20.92 -3.89
CA GLU A 369 1.78 -21.69 -3.58
C GLU A 369 2.79 -21.50 -4.72
N PRO A 370 4.09 -21.35 -4.39
CA PRO A 370 5.14 -21.17 -5.36
C PRO A 370 5.34 -22.37 -6.30
N GLY A 371 5.29 -22.04 -7.60
CA GLY A 371 5.51 -23.00 -8.66
C GLY A 371 6.86 -22.78 -9.33
N ALA A 372 7.11 -23.60 -10.36
CA ALA A 372 8.36 -23.56 -11.11
C ALA A 372 8.62 -22.13 -11.59
N PRO A 373 9.88 -21.63 -11.51
CA PRO A 373 10.15 -20.24 -11.85
C PRO A 373 9.78 -19.94 -13.30
N GLY A 374 8.80 -19.07 -13.55
CA GLY A 374 8.48 -18.74 -14.93
C GLY A 374 7.39 -19.60 -15.59
N LEU A 375 6.95 -20.67 -14.92
CA LEU A 375 5.67 -21.29 -15.26
C LEU A 375 4.60 -20.48 -14.54
N GLY A 376 4.91 -20.09 -13.29
CA GLY A 376 3.97 -19.39 -12.45
C GLY A 376 3.57 -20.22 -11.23
N ASN A 377 2.73 -19.62 -10.40
CA ASN A 377 2.31 -20.20 -9.12
C ASN A 377 0.98 -20.93 -9.27
N CYS A 378 0.58 -21.58 -8.18
CA CYS A 378 -0.65 -22.36 -8.13
C CYS A 378 -1.60 -21.75 -7.10
N LEU A 379 -2.83 -21.44 -7.52
CA LEU A 379 -3.87 -20.99 -6.58
C LEU A 379 -4.69 -22.17 -6.07
N ARG A 380 -4.88 -22.21 -4.74
CA ARG A 380 -5.73 -23.21 -4.10
C ARG A 380 -6.94 -22.51 -3.51
N GLN A 381 -8.13 -22.84 -4.02
CA GLN A 381 -9.37 -22.39 -3.42
C GLN A 381 -10.07 -23.57 -2.71
N ARG A 382 -10.48 -23.35 -1.46
CA ARG A 382 -11.22 -24.34 -0.71
C ARG A 382 -12.20 -23.63 0.23
N ARG A 383 -13.37 -24.27 0.48
CA ARG A 383 -14.35 -23.80 1.45
C ARG A 383 -13.72 -23.83 2.83
N GLY A 384 -14.01 -22.83 3.65
CA GLY A 384 -13.48 -22.83 5.01
C GLY A 384 -13.21 -21.42 5.51
N PHE A 385 -12.58 -21.33 6.70
CA PHE A 385 -12.23 -20.08 7.33
C PHE A 385 -10.97 -20.28 8.18
N HIS A 386 -10.39 -19.20 8.73
CA HIS A 386 -9.13 -19.33 9.47
C HIS A 386 -9.36 -19.60 10.94
N HIS A 387 -10.24 -18.80 11.58
CA HIS A 387 -10.56 -18.87 12.99
C HIS A 387 -11.80 -18.04 13.28
N GLU A 388 -12.39 -18.25 14.45
CA GLU A 388 -13.54 -17.48 14.92
C GLU A 388 -13.09 -16.07 15.29
N LEU A 389 -13.96 -15.09 15.08
CA LEU A 389 -13.69 -13.70 15.39
C LEU A 389 -14.01 -13.46 16.86
N VAL A 390 -12.98 -13.35 17.70
CA VAL A 390 -13.21 -13.36 19.15
C VAL A 390 -14.12 -12.21 19.60
N GLY A 391 -15.15 -12.53 20.38
CA GLY A 391 -16.09 -11.54 20.88
C GLY A 391 -17.37 -11.41 20.03
N PHE A 392 -17.38 -12.01 18.83
CA PHE A 392 -18.48 -11.83 17.90
C PHE A 392 -18.97 -13.19 17.45
N PRO A 393 -19.90 -13.82 18.20
CA PRO A 393 -20.39 -15.14 17.85
C PRO A 393 -21.00 -15.17 16.46
N GLY A 394 -20.69 -16.23 15.72
CA GLY A 394 -21.24 -16.40 14.39
C GLY A 394 -20.35 -15.79 13.32
N CYS A 395 -19.23 -15.18 13.72
CA CYS A 395 -18.30 -14.51 12.80
C CYS A 395 -16.93 -15.18 12.76
N VAL A 396 -16.35 -15.28 11.55
CA VAL A 396 -15.06 -15.90 11.38
C VAL A 396 -14.19 -15.00 10.51
N VAL A 397 -12.91 -15.36 10.43
CA VAL A 397 -11.94 -14.67 9.59
C VAL A 397 -11.61 -15.63 8.46
N THR A 398 -11.60 -15.12 7.22
CA THR A 398 -11.44 -15.94 6.04
C THR A 398 -10.85 -15.10 4.90
N ASP A 399 -10.78 -15.66 3.69
CA ASP A 399 -10.15 -14.99 2.57
C ASP A 399 -11.20 -14.40 1.63
N GLY A 400 -12.37 -15.02 1.55
CA GLY A 400 -13.40 -14.51 0.66
C GLY A 400 -14.78 -14.89 1.19
N VAL A 401 -15.81 -14.18 0.70
CA VAL A 401 -17.17 -14.37 1.17
C VAL A 401 -18.17 -14.15 0.04
N VAL A 402 -19.44 -14.43 0.32
CA VAL A 402 -20.54 -14.18 -0.60
C VAL A 402 -20.61 -12.68 -0.90
N ASN A 403 -21.27 -12.32 -2.02
CA ASN A 403 -21.45 -10.92 -2.37
C ASN A 403 -22.57 -10.27 -1.58
N PHE A 404 -22.46 -10.39 -0.26
CA PHE A 404 -23.17 -9.48 0.62
C PHE A 404 -22.17 -9.14 1.70
N PHE A 405 -21.69 -7.88 1.69
CA PHE A 405 -20.71 -7.49 2.68
C PHE A 405 -20.68 -5.98 2.86
N LEU A 406 -20.26 -5.59 4.08
CA LEU A 406 -19.92 -4.22 4.44
C LEU A 406 -18.40 -4.12 4.48
N ALA A 407 -17.85 -3.00 3.99
CA ALA A 407 -16.40 -2.82 3.98
C ALA A 407 -16.05 -1.35 4.05
N ARG A 408 -14.82 -1.09 4.50
CA ARG A 408 -14.22 0.23 4.44
C ARG A 408 -14.09 0.64 2.98
N THR A 409 -14.72 1.75 2.58
CA THR A 409 -14.77 2.16 1.18
C THR A 409 -13.37 2.21 0.59
N ASP A 410 -12.44 2.83 1.32
CA ASP A 410 -11.10 3.04 0.81
C ASP A 410 -10.38 1.73 0.51
N LYS A 411 -10.57 0.69 1.34
CA LYS A 411 -9.89 -0.58 1.15
C LYS A 411 -10.42 -1.26 -0.10
N VAL A 412 -11.75 -1.15 -0.30
CA VAL A 412 -12.37 -1.69 -1.50
C VAL A 412 -11.83 -1.00 -2.74
N ARG A 413 -11.60 0.32 -2.67
CA ARG A 413 -11.09 1.06 -3.80
C ARG A 413 -9.63 0.73 -4.05
N GLU A 414 -8.91 0.58 -2.95
CA GLU A 414 -7.50 0.19 -2.95
C GLU A 414 -7.30 -1.10 -3.73
N VAL A 415 -8.19 -2.09 -3.52
CA VAL A 415 -8.07 -3.36 -4.22
C VAL A 415 -8.69 -3.31 -5.63
N GLY A 416 -9.88 -2.72 -5.73
CA GLY A 416 -10.62 -2.51 -6.96
C GLY A 416 -11.38 -3.73 -7.48
N PHE A 417 -12.48 -3.48 -8.19
CA PHE A 417 -13.05 -4.49 -9.08
C PHE A 417 -12.48 -4.33 -10.50
N ASP A 418 -11.58 -5.23 -10.89
CA ASP A 418 -10.87 -5.12 -12.17
C ASP A 418 -11.88 -4.97 -13.28
N PRO A 419 -11.92 -3.81 -13.97
CA PRO A 419 -12.95 -3.57 -14.99
C PRO A 419 -12.89 -4.53 -16.17
N ARG A 420 -11.80 -5.32 -16.28
CA ARG A 420 -11.61 -6.28 -17.34
C ARG A 420 -12.48 -7.52 -17.11
N LEU A 421 -12.86 -7.82 -15.88
CA LEU A 421 -13.73 -8.95 -15.61
C LEU A 421 -15.16 -8.49 -15.89
N SER A 422 -15.64 -8.69 -17.11
CA SER A 422 -16.86 -8.03 -17.57
C SER A 422 -18.12 -8.88 -17.41
N ARG A 423 -18.00 -10.22 -17.24
CA ARG A 423 -19.18 -11.07 -17.37
C ARG A 423 -19.40 -11.87 -16.07
N VAL A 424 -18.45 -12.74 -15.71
CA VAL A 424 -18.69 -13.72 -14.67
C VAL A 424 -17.46 -13.71 -13.77
N ALA A 425 -17.67 -13.28 -12.53
CA ALA A 425 -16.56 -13.19 -11.59
C ALA A 425 -17.09 -12.96 -10.16
N HIS A 426 -16.29 -13.41 -9.20
CA HIS A 426 -16.67 -13.19 -7.82
C HIS A 426 -15.43 -13.19 -6.94
N LEU A 427 -14.76 -14.34 -6.90
CA LEU A 427 -13.67 -14.56 -5.96
C LEU A 427 -12.45 -13.77 -6.42
N GLU A 428 -12.46 -13.35 -7.68
CA GLU A 428 -11.31 -12.67 -8.27
C GLU A 428 -11.05 -11.38 -7.53
N PHE A 429 -12.09 -10.76 -6.97
CA PHE A 429 -11.90 -9.59 -6.15
C PHE A 429 -11.07 -9.93 -4.91
N PHE A 430 -11.45 -11.00 -4.21
CA PHE A 430 -10.81 -11.42 -2.97
C PHE A 430 -9.40 -11.90 -3.25
N LEU A 431 -9.14 -12.35 -4.47
CA LEU A 431 -7.81 -12.77 -4.90
C LEU A 431 -6.94 -11.54 -5.13
N ASP A 432 -7.51 -10.52 -5.82
CA ASP A 432 -6.81 -9.25 -5.99
C ASP A 432 -6.47 -8.64 -4.63
N GLY A 433 -7.36 -8.86 -3.63
CA GLY A 433 -7.26 -8.29 -2.30
C GLY A 433 -6.43 -9.14 -1.35
N LEU A 434 -6.01 -10.32 -1.82
CA LEU A 434 -5.52 -11.32 -0.88
C LEU A 434 -4.33 -10.78 -0.09
N GLY A 435 -4.49 -10.70 1.23
CA GLY A 435 -3.42 -10.29 2.12
C GLY A 435 -3.51 -8.81 2.44
N SER A 436 -4.07 -8.05 1.50
CA SER A 436 -4.23 -6.62 1.66
C SER A 436 -5.52 -6.34 2.42
N LEU A 437 -6.48 -7.26 2.32
CA LEU A 437 -7.84 -7.01 2.78
C LEU A 437 -8.13 -7.95 3.93
N ARG A 438 -8.57 -7.41 5.07
CA ARG A 438 -8.86 -8.22 6.24
C ARG A 438 -10.33 -8.63 6.21
N VAL A 439 -10.55 -9.94 5.96
CA VAL A 439 -11.88 -10.42 5.60
C VAL A 439 -12.54 -11.21 6.73
N GLY A 440 -13.79 -10.87 7.03
CA GLY A 440 -14.58 -11.61 8.01
C GLY A 440 -15.96 -11.96 7.48
N SER A 441 -16.70 -12.76 8.25
CA SER A 441 -17.96 -13.29 7.77
C SER A 441 -18.87 -13.61 8.94
N CYS A 442 -20.05 -12.99 8.99
CA CYS A 442 -20.99 -13.18 10.09
C CYS A 442 -22.27 -13.83 9.58
N SER A 443 -22.70 -14.93 10.21
CA SER A 443 -23.78 -15.76 9.69
C SER A 443 -25.17 -15.22 10.08
N ASP A 444 -25.21 -14.25 10.99
CA ASP A 444 -26.44 -13.80 11.63
C ASP A 444 -26.99 -12.54 10.98
N VAL A 445 -26.25 -11.93 10.03
CA VAL A 445 -26.81 -10.83 9.25
C VAL A 445 -27.18 -11.38 7.87
N VAL A 446 -28.47 -11.30 7.53
CA VAL A 446 -28.99 -12.21 6.51
C VAL A 446 -29.82 -11.38 5.52
N VAL A 447 -29.58 -11.68 4.24
CA VAL A 447 -30.34 -11.06 3.16
C VAL A 447 -30.92 -12.17 2.31
N ASP A 448 -32.08 -11.92 1.70
CA ASP A 448 -32.72 -12.98 0.94
C ASP A 448 -32.36 -12.84 -0.52
N HIS A 449 -32.26 -13.98 -1.21
CA HIS A 449 -31.99 -14.00 -2.64
C HIS A 449 -33.28 -14.35 -3.39
N ALA A 450 -33.75 -13.45 -4.26
CA ALA A 450 -34.92 -13.68 -5.12
C ALA A 450 -34.66 -14.85 -6.07
N SER A 451 -35.70 -15.66 -6.32
CA SER A 451 -35.57 -17.03 -6.81
C SER A 451 -34.53 -17.14 -7.94
N ASP A 477 -16.46 -21.03 -22.85
CA ASP A 477 -16.77 -19.86 -23.72
C ASP A 477 -15.52 -19.00 -23.86
N GLU A 478 -15.45 -18.16 -24.90
CA GLU A 478 -14.36 -17.21 -25.11
C GLU A 478 -14.15 -16.34 -23.85
N SER A 479 -15.21 -15.99 -23.11
CA SER A 479 -15.03 -15.21 -21.90
C SER A 479 -14.20 -15.98 -20.88
N GLN A 480 -14.46 -17.29 -20.77
CA GLN A 480 -13.78 -18.16 -19.79
C GLN A 480 -12.29 -18.25 -20.15
N MET A 481 -12.01 -18.49 -21.43
CA MET A 481 -10.64 -18.57 -21.94
C MET A 481 -9.90 -17.25 -21.71
N ALA A 482 -10.56 -16.14 -22.04
CA ALA A 482 -9.98 -14.82 -21.85
C ALA A 482 -9.61 -14.61 -20.37
N LYS A 483 -10.51 -14.99 -19.46
CA LYS A 483 -10.23 -14.73 -18.06
C LYS A 483 -9.06 -15.61 -17.64
N HIS A 484 -8.92 -16.78 -18.27
CA HIS A 484 -7.85 -17.67 -17.86
C HIS A 484 -6.51 -17.05 -18.25
N ARG A 485 -6.46 -16.48 -19.45
CA ARG A 485 -5.26 -15.80 -19.95
C ARG A 485 -4.94 -14.60 -19.05
N LEU A 486 -5.99 -13.84 -18.71
CA LEU A 486 -5.87 -12.67 -17.87
C LEU A 486 -5.27 -13.06 -16.52
N LEU A 487 -5.86 -14.09 -15.88
CA LEU A 487 -5.44 -14.43 -14.52
C LEU A 487 -4.02 -15.00 -14.54
N PHE A 488 -3.67 -15.69 -15.64
CA PHE A 488 -2.34 -16.22 -15.87
C PHE A 488 -1.35 -15.08 -15.79
N PHE A 489 -1.63 -14.02 -16.57
CA PHE A 489 -0.73 -12.88 -16.65
C PHE A 489 -0.76 -12.03 -15.39
N LYS A 490 -1.95 -11.53 -15.04
CA LYS A 490 -2.17 -10.63 -13.92
C LYS A 490 -1.53 -11.13 -12.61
N HIS A 491 -1.72 -12.42 -12.29
CA HIS A 491 -1.33 -12.95 -10.99
C HIS A 491 -0.19 -13.97 -11.07
N ARG A 492 0.44 -14.09 -12.24
CA ARG A 492 1.55 -15.02 -12.42
C ARG A 492 1.16 -16.43 -11.96
N LEU A 493 0.02 -16.94 -12.46
CA LEU A 493 -0.43 -18.27 -12.09
C LEU A 493 -0.26 -19.19 -13.29
N GLN A 494 -0.04 -20.50 -13.03
CA GLN A 494 -0.01 -21.47 -14.11
C GLN A 494 -1.29 -22.30 -14.07
N CYS A 495 -1.85 -22.44 -12.88
CA CYS A 495 -2.97 -23.33 -12.65
C CYS A 495 -3.66 -22.98 -11.33
N MET A 496 -4.83 -23.59 -11.15
CA MET A 496 -5.59 -23.41 -9.93
C MET A 496 -6.34 -24.71 -9.62
N THR A 497 -6.58 -24.94 -8.33
CA THR A 497 -7.49 -26.00 -7.90
C THR A 497 -8.66 -25.38 -7.14
N SER A 498 -9.86 -25.85 -7.47
CA SER A 498 -11.09 -25.54 -6.76
C SER A 498 -11.61 -26.77 -6.01
N GLN A 499 -12.16 -26.56 -4.80
CA GLN A 499 -12.52 -27.63 -3.86
C GLN A 499 -13.81 -27.25 -3.11
N ASP B 19 13.01 15.25 25.24
CA ASP B 19 14.02 16.11 25.91
C ASP B 19 15.38 15.96 25.24
N LEU B 20 16.01 17.11 24.98
CA LEU B 20 17.40 17.26 24.57
C LEU B 20 18.34 16.97 25.74
N ALA B 21 17.81 16.92 26.96
CA ALA B 21 18.62 16.89 28.16
C ALA B 21 19.55 15.67 28.15
N PRO B 22 20.84 15.81 28.58
CA PRO B 22 21.71 14.66 28.78
C PRO B 22 21.28 13.78 29.95
N GLU B 23 21.43 12.46 29.79
CA GLU B 23 21.18 11.48 30.83
C GLU B 23 22.21 11.63 31.96
N PRO B 24 21.88 11.20 33.21
CA PRO B 24 22.80 11.36 34.34
C PRO B 24 24.23 10.94 34.03
N ARG B 25 24.38 9.74 33.44
CA ARG B 25 25.66 9.14 33.06
C ARG B 25 26.55 10.16 32.34
N TYR B 26 25.91 11.06 31.57
CA TYR B 26 26.60 11.96 30.66
C TYR B 26 26.42 13.43 31.02
N ALA B 27 25.81 13.69 32.19
CA ALA B 27 25.55 15.02 32.69
C ALA B 27 26.84 15.83 32.89
N HIS B 28 27.99 15.17 33.05
CA HIS B 28 29.25 15.84 33.31
C HIS B 28 29.90 16.39 32.04
N ILE B 29 29.41 15.97 30.86
CA ILE B 29 30.04 16.25 29.57
C ILE B 29 29.53 17.58 29.00
N PRO B 30 30.45 18.51 28.57
CA PRO B 30 30.03 19.77 27.97
C PRO B 30 29.71 19.67 26.49
N VAL B 31 28.69 20.42 26.05
CA VAL B 31 28.13 20.31 24.71
C VAL B 31 27.82 21.68 24.12
N ARG B 32 28.12 21.89 22.83
CA ARG B 32 27.69 23.08 22.11
C ARG B 32 26.44 22.78 21.28
N ILE B 33 25.41 23.62 21.43
CA ILE B 33 24.19 23.65 20.60
C ILE B 33 24.48 24.22 19.21
N LYS B 34 24.36 23.38 18.16
CA LYS B 34 24.46 23.85 16.78
C LYS B 34 23.14 24.49 16.36
N GLU B 35 23.01 25.80 16.57
CA GLU B 35 21.85 26.62 16.26
C GLU B 35 21.23 26.12 14.95
N GLN B 36 22.12 25.83 13.99
CA GLN B 36 21.77 25.49 12.62
C GLN B 36 21.14 24.10 12.54
N VAL B 37 21.68 23.13 13.31
CA VAL B 37 21.31 21.72 13.27
C VAL B 37 20.02 21.49 14.05
N VAL B 38 19.89 22.12 15.23
CA VAL B 38 18.74 22.04 16.12
C VAL B 38 17.49 22.52 15.38
N GLY B 39 17.69 23.49 14.46
CA GLY B 39 16.64 24.07 13.64
C GLY B 39 16.12 23.10 12.58
N LEU B 40 16.87 22.02 12.33
CA LEU B 40 16.50 21.02 11.33
C LEU B 40 15.49 20.03 11.88
N LEU B 41 15.37 19.95 13.22
CA LEU B 41 14.53 18.93 13.84
C LEU B 41 13.06 19.36 13.81
N ALA B 42 12.15 18.38 13.85
CA ALA B 42 10.73 18.63 13.98
C ALA B 42 10.42 19.00 15.44
N TRP B 43 9.92 20.21 15.65
CA TRP B 43 9.66 20.67 17.00
C TRP B 43 8.16 20.68 17.30
N ASN B 44 7.36 20.11 16.37
CA ASN B 44 5.92 19.96 16.50
C ASN B 44 5.26 21.28 16.90
N ASN B 45 5.69 22.40 16.30
CA ASN B 45 5.20 23.71 16.69
C ASN B 45 4.97 24.64 15.49
N CYS B 46 4.72 24.09 14.30
CA CYS B 46 4.54 24.91 13.10
C CYS B 46 3.33 25.86 13.22
N SER B 47 3.38 26.95 12.44
CA SER B 47 2.25 27.82 12.15
C SER B 47 2.33 28.30 10.71
N CYS B 48 1.30 29.01 10.25
CA CYS B 48 1.23 29.52 8.89
C CYS B 48 1.01 31.03 8.95
N GLU B 49 1.97 31.81 8.41
CA GLU B 49 1.87 33.27 8.44
C GLU B 49 1.93 33.85 7.02
N SER B 50 1.14 34.92 6.82
CA SER B 50 1.09 35.65 5.56
C SER B 50 2.31 36.57 5.42
N SER B 51 2.73 36.84 4.18
CA SER B 51 3.53 38.01 3.85
C SER B 51 2.80 39.25 4.32
N GLY B 52 3.57 40.27 4.73
CA GLY B 52 3.12 41.62 4.98
C GLY B 52 2.21 42.11 3.86
N GLY B 53 1.25 42.96 4.21
CA GLY B 53 0.34 43.46 3.21
C GLY B 53 0.97 44.58 2.39
N GLY B 54 0.26 45.00 1.34
CA GLY B 54 0.63 46.15 0.55
C GLY B 54 1.21 45.76 -0.79
N LEU B 55 1.77 46.76 -1.48
CA LEU B 55 2.46 46.65 -2.76
C LEU B 55 3.69 45.75 -2.63
N PRO B 56 3.89 44.78 -3.55
CA PRO B 56 5.03 43.86 -3.48
C PRO B 56 6.36 44.45 -3.94
N LEU B 57 7.46 43.75 -3.62
CA LEU B 57 8.81 44.07 -4.07
C LEU B 57 9.30 43.00 -5.03
N PRO B 58 10.18 43.38 -5.98
CA PRO B 58 10.43 42.57 -7.16
C PRO B 58 10.96 41.16 -6.94
N PHE B 59 11.68 40.95 -5.84
CA PHE B 59 12.35 39.66 -5.75
C PHE B 59 11.63 38.74 -4.76
N GLN B 60 10.51 39.22 -4.19
CA GLN B 60 9.80 38.66 -3.05
C GLN B 60 8.51 38.00 -3.54
N LYS B 61 8.19 36.81 -3.02
CA LYS B 61 6.93 36.19 -3.40
C LYS B 61 5.95 36.28 -2.24
N GLN B 62 4.69 36.57 -2.57
CA GLN B 62 3.66 36.82 -1.58
C GLN B 62 3.19 35.45 -1.07
N VAL B 63 3.36 35.23 0.24
CA VAL B 63 2.92 34.03 0.94
C VAL B 63 1.56 34.31 1.59
N ARG B 64 0.60 33.42 1.36
CA ARG B 64 -0.72 33.67 1.90
C ARG B 64 -1.11 32.48 2.78
N ALA B 65 -1.60 32.79 3.98
CA ALA B 65 -1.99 31.75 4.92
C ALA B 65 -3.50 31.52 4.89
N ILE B 66 -3.91 30.25 5.07
CA ILE B 66 -5.27 29.90 5.41
C ILE B 66 -5.26 29.17 6.76
N ASP B 67 -6.03 29.72 7.71
CA ASP B 67 -6.33 29.05 8.97
C ASP B 67 -7.59 28.22 8.79
N LEU B 68 -7.42 26.91 8.64
CA LEU B 68 -8.50 25.96 8.46
C LEU B 68 -9.41 25.94 9.69
N THR B 69 -8.85 26.17 10.89
CA THR B 69 -9.63 26.06 12.10
C THR B 69 -10.76 27.08 12.11
N LYS B 70 -10.59 28.22 11.41
CA LYS B 70 -11.60 29.26 11.32
C LYS B 70 -12.86 28.81 10.54
N ALA B 71 -12.83 27.61 9.94
CA ALA B 71 -13.99 27.07 9.24
C ALA B 71 -15.00 26.43 10.21
N PHE B 72 -14.75 26.51 11.53
CA PHE B 72 -15.58 25.90 12.58
C PHE B 72 -15.90 26.90 13.68
N ASP B 73 -17.05 26.77 14.39
CA ASP B 73 -17.27 27.49 15.65
C ASP B 73 -16.34 26.91 16.73
N PRO B 74 -16.06 27.63 17.84
CA PRO B 74 -15.22 27.09 18.91
C PRO B 74 -15.65 25.70 19.40
N ALA B 75 -16.99 25.53 19.53
CA ALA B 75 -17.67 24.26 19.75
C ALA B 75 -17.20 23.21 18.73
N GLU B 76 -17.58 23.42 17.49
CA GLU B 76 -17.23 22.49 16.45
C GLU B 76 -15.72 22.23 16.42
N LEU B 77 -14.89 23.28 16.58
CA LEU B 77 -13.46 23.06 16.59
C LEU B 77 -13.08 22.02 17.67
N ARG B 78 -13.60 22.23 18.89
CA ARG B 78 -13.29 21.34 20.00
C ARG B 78 -13.67 19.91 19.60
N ALA B 79 -14.97 19.73 19.29
CA ALA B 79 -15.55 18.48 18.83
C ALA B 79 -14.68 17.76 17.81
N ALA B 80 -14.45 18.45 16.68
CA ALA B 80 -13.74 17.91 15.52
C ALA B 80 -12.33 17.47 15.91
N SER B 81 -11.62 18.28 16.73
CA SER B 81 -10.28 17.90 17.15
C SER B 81 -10.34 16.58 17.90
N ALA B 82 -11.37 16.42 18.74
CA ALA B 82 -11.53 15.24 19.55
C ALA B 82 -11.76 14.04 18.65
N THR B 83 -12.85 14.08 17.88
CA THR B 83 -13.17 13.06 16.87
C THR B 83 -11.95 12.68 16.04
N ARG B 84 -11.28 13.68 15.47
CA ARG B 84 -10.15 13.48 14.60
C ARG B 84 -9.05 12.76 15.36
N GLU B 85 -8.82 13.12 16.63
CA GLU B 85 -7.71 12.52 17.35
C GLU B 85 -8.02 11.05 17.63
N GLN B 86 -9.28 10.79 17.99
CA GLN B 86 -9.78 9.45 18.27
C GLN B 86 -9.66 8.55 17.02
N GLU B 87 -10.13 9.03 15.88
CA GLU B 87 -10.09 8.25 14.64
C GLU B 87 -8.64 8.01 14.21
N PHE B 88 -7.75 8.98 14.52
CA PHE B 88 -6.34 8.90 14.18
C PHE B 88 -5.64 7.81 14.99
N GLN B 89 -5.96 7.75 16.30
CA GLN B 89 -5.45 6.73 17.21
C GLN B 89 -5.91 5.35 16.77
N ALA B 90 -7.17 5.26 16.33
CA ALA B 90 -7.74 4.04 15.76
C ALA B 90 -6.92 3.60 14.55
N PHE B 91 -6.66 4.55 13.65
CA PHE B 91 -5.94 4.25 12.43
C PHE B 91 -4.54 3.73 12.76
N LEU B 92 -3.85 4.39 13.71
CA LEU B 92 -2.51 4.00 14.11
C LEU B 92 -2.49 2.53 14.56
N SER B 93 -3.46 2.17 15.41
CA SER B 93 -3.55 0.84 16.00
C SER B 93 -3.77 -0.26 14.95
N ARG B 94 -4.43 0.04 13.83
CA ARG B 94 -4.62 -0.93 12.76
C ARG B 94 -3.53 -0.85 11.68
N SER B 95 -2.55 0.07 11.79
CA SER B 95 -1.47 0.21 10.82
C SER B 95 -0.18 -0.37 11.39
N GLN B 96 0.06 -0.15 12.69
CA GLN B 96 1.41 -0.21 13.20
C GLN B 96 1.72 -1.64 13.65
N SER B 97 3.01 -2.00 13.62
CA SER B 97 3.50 -3.38 13.68
C SER B 97 4.71 -3.50 14.60
N PRO B 98 5.00 -4.67 15.21
CA PRO B 98 6.27 -4.88 15.91
C PRO B 98 7.50 -4.61 15.04
N ALA B 99 7.31 -4.48 13.72
CA ALA B 99 8.41 -4.27 12.81
C ALA B 99 8.87 -2.81 12.91
N ASP B 100 8.01 -1.99 13.51
CA ASP B 100 8.22 -0.56 13.65
C ASP B 100 8.87 -0.22 15.00
N GLN B 101 9.03 -1.20 15.88
CA GLN B 101 9.67 -0.99 17.17
C GLN B 101 11.17 -0.75 16.98
N LEU B 102 11.74 0.14 17.79
CA LEU B 102 13.16 0.40 17.75
C LEU B 102 13.89 -0.73 18.47
N LEU B 103 14.76 -1.44 17.74
CA LEU B 103 15.60 -2.50 18.27
C LEU B 103 17.07 -2.14 18.11
N ILE B 104 17.87 -2.37 19.17
CA ILE B 104 19.28 -2.01 19.16
C ILE B 104 20.11 -3.29 19.27
N ALA B 105 20.97 -3.51 18.27
CA ALA B 105 21.86 -4.65 18.23
C ALA B 105 22.91 -4.58 19.34
N PRO B 106 23.03 -5.63 20.18
CA PRO B 106 24.08 -5.68 21.19
C PRO B 106 25.50 -5.75 20.61
N ALA B 107 26.40 -5.04 21.30
CA ALA B 107 27.83 -5.13 21.14
C ALA B 107 28.33 -6.35 21.88
N ASN B 108 29.40 -6.99 21.38
CA ASN B 108 30.11 -8.04 22.11
C ASN B 108 29.15 -9.13 22.57
N SER B 109 28.40 -9.67 21.60
CA SER B 109 27.54 -10.81 21.84
C SER B 109 27.98 -11.92 20.88
N PRO B 110 27.99 -13.20 21.33
CA PRO B 110 28.40 -14.30 20.46
C PRO B 110 27.31 -14.72 19.49
N LEU B 111 26.17 -14.01 19.55
CA LEU B 111 25.00 -14.33 18.76
C LEU B 111 25.10 -13.67 17.40
N GLN B 112 25.14 -14.52 16.36
CA GLN B 112 25.00 -14.10 14.97
C GLN B 112 23.59 -14.47 14.50
N TYR B 113 22.88 -13.48 13.93
CA TYR B 113 21.47 -13.62 13.60
C TYR B 113 21.04 -12.66 12.49
N PRO B 114 19.96 -12.98 11.75
CA PRO B 114 19.47 -12.11 10.69
C PRO B 114 18.85 -10.83 11.25
N LEU B 115 19.27 -9.70 10.71
CA LEU B 115 19.04 -8.39 11.28
C LEU B 115 17.80 -7.79 10.62
N GLN B 116 17.62 -8.05 9.32
CA GLN B 116 16.45 -7.63 8.57
C GLN B 116 16.30 -8.54 7.35
N GLY B 117 15.12 -8.49 6.72
CA GLY B 117 14.91 -9.12 5.44
C GLY B 117 14.53 -10.60 5.53
N VAL B 118 14.01 -11.01 6.69
CA VAL B 118 13.48 -12.35 6.86
C VAL B 118 11.96 -12.24 6.92
N GLU B 119 11.30 -12.97 6.03
CA GLU B 119 9.87 -12.81 5.82
C GLU B 119 9.18 -14.16 5.52
N VAL B 120 7.98 -14.34 6.06
CA VAL B 120 7.26 -15.56 5.77
C VAL B 120 5.81 -15.22 5.45
N GLN B 121 5.21 -16.03 4.58
CA GLN B 121 3.81 -15.88 4.26
C GLN B 121 2.98 -16.41 5.43
N PRO B 122 1.79 -15.84 5.74
CA PRO B 122 1.00 -16.31 6.87
C PRO B 122 0.73 -17.80 6.75
N LEU B 123 0.89 -18.51 7.88
CA LEU B 123 0.65 -19.94 7.97
C LEU B 123 1.58 -20.71 7.03
N ARG B 124 2.76 -20.17 6.71
CA ARG B 124 3.78 -20.93 5.98
C ARG B 124 5.07 -21.03 6.82
N SER B 125 6.13 -21.61 6.23
CA SER B 125 7.35 -21.93 6.95
C SER B 125 8.56 -21.56 6.11
N ILE B 126 9.71 -21.35 6.77
CA ILE B 126 10.97 -21.01 6.13
C ILE B 126 12.13 -21.44 7.03
N LEU B 127 13.28 -21.69 6.40
CA LEU B 127 14.56 -21.79 7.11
C LEU B 127 14.99 -20.39 7.51
N VAL B 128 15.39 -20.21 8.78
CA VAL B 128 15.87 -18.91 9.24
C VAL B 128 17.35 -18.78 8.87
N PRO B 129 17.75 -17.82 8.01
CA PRO B 129 19.15 -17.70 7.59
C PRO B 129 20.06 -17.05 8.63
N GLY B 130 21.31 -17.52 8.68
CA GLY B 130 22.41 -16.81 9.30
C GLY B 130 22.50 -16.98 10.81
N LEU B 131 21.72 -17.92 11.39
CA LEU B 131 21.81 -18.17 12.82
C LEU B 131 23.12 -18.89 13.13
N SER B 132 23.90 -18.38 14.10
CA SER B 132 24.97 -19.18 14.68
C SER B 132 25.46 -18.60 16.02
N LEU B 133 26.15 -19.49 16.78
CA LEU B 133 26.80 -19.16 18.03
C LEU B 133 28.31 -19.19 17.83
N GLN B 134 28.91 -17.99 17.84
CA GLN B 134 30.34 -17.76 17.70
C GLN B 134 30.99 -17.72 19.10
N ALA B 135 30.72 -18.74 19.91
CA ALA B 135 31.34 -18.85 21.23
C ALA B 135 32.76 -19.40 21.04
N ALA B 136 33.61 -19.29 22.07
CA ALA B 136 34.92 -19.91 21.99
C ALA B 136 34.79 -21.43 22.19
N SER B 137 35.63 -22.20 21.49
CA SER B 137 35.61 -23.64 21.70
C SER B 137 36.27 -23.99 23.03
N GLY B 138 35.89 -25.16 23.57
CA GLY B 138 36.59 -25.71 24.72
C GLY B 138 35.67 -25.90 25.92
N GLN B 139 34.48 -25.28 25.85
CA GLN B 139 33.50 -25.34 26.93
C GLN B 139 32.86 -26.73 26.98
N GLU B 140 32.29 -27.05 28.16
CA GLU B 140 31.66 -28.34 28.39
C GLU B 140 30.36 -28.46 27.60
N VAL B 141 29.52 -27.40 27.56
CA VAL B 141 28.27 -27.50 26.83
C VAL B 141 27.85 -26.14 26.29
N TYR B 142 27.21 -26.16 25.10
CA TYR B 142 26.70 -24.97 24.45
C TYR B 142 25.18 -25.09 24.28
N GLN B 143 24.49 -24.01 24.64
CA GLN B 143 23.03 -23.96 24.62
C GLN B 143 22.56 -22.61 24.08
N VAL B 144 21.55 -22.69 23.21
CA VAL B 144 20.90 -21.51 22.65
C VAL B 144 19.39 -21.71 22.73
N ASN B 145 18.69 -20.60 23.07
CA ASN B 145 17.24 -20.49 23.23
C ASN B 145 16.67 -19.63 22.10
N LEU B 146 15.55 -20.09 21.50
CA LEU B 146 14.80 -19.33 20.50
C LEU B 146 13.36 -19.18 20.99
N THR B 147 12.83 -17.94 20.98
CA THR B 147 11.47 -17.64 21.42
C THR B 147 10.74 -16.88 20.32
N ALA B 148 9.47 -17.25 20.06
CA ALA B 148 8.61 -16.57 19.10
C ALA B 148 7.27 -16.25 19.75
N SER B 149 6.38 -15.51 19.08
CA SER B 149 5.09 -15.17 19.67
C SER B 149 3.91 -15.43 18.74
N LEU B 150 4.17 -15.60 17.43
CA LEU B 150 3.14 -15.82 16.43
C LEU B 150 3.49 -17.06 15.58
N GLY B 151 4.51 -17.83 16.00
CA GLY B 151 4.97 -18.97 15.22
C GLY B 151 5.66 -20.01 16.10
N THR B 152 6.19 -21.07 15.45
CA THR B 152 6.79 -22.18 16.17
C THR B 152 8.04 -22.65 15.44
N TRP B 153 9.00 -23.17 16.21
CA TRP B 153 10.30 -23.55 15.69
C TRP B 153 10.32 -25.05 15.41
N ASP B 154 10.99 -25.45 14.33
CA ASP B 154 11.36 -26.84 14.12
C ASP B 154 12.73 -26.83 13.47
N VAL B 155 13.40 -27.97 13.38
CA VAL B 155 14.81 -27.96 13.06
C VAL B 155 15.08 -28.90 11.89
N ALA B 156 14.02 -29.30 11.17
CA ALA B 156 14.22 -30.19 10.04
C ALA B 156 15.17 -31.33 10.43
N GLY B 157 16.13 -31.66 9.56
CA GLY B 157 17.09 -32.72 9.86
C GLY B 157 17.78 -32.50 11.21
N GLU B 158 17.96 -33.58 11.97
CA GLU B 158 18.54 -33.52 13.30
C GLU B 158 20.03 -33.81 13.23
N VAL B 159 20.85 -32.90 13.79
CA VAL B 159 22.30 -33.09 13.85
C VAL B 159 22.64 -33.99 15.03
N THR B 160 23.33 -35.11 14.76
CA THR B 160 23.67 -36.05 15.83
C THR B 160 24.62 -35.35 16.81
N GLY B 161 24.32 -35.51 18.10
CA GLY B 161 25.05 -34.85 19.16
C GLY B 161 24.30 -33.65 19.74
N VAL B 162 23.22 -33.21 19.08
CA VAL B 162 22.44 -32.08 19.56
C VAL B 162 21.11 -32.53 20.15
N THR B 163 20.79 -32.06 21.37
CA THR B 163 19.53 -32.28 22.08
C THR B 163 18.57 -31.11 21.86
N LEU B 164 17.36 -31.44 21.40
CA LEU B 164 16.35 -30.43 21.10
C LEU B 164 15.18 -30.55 22.07
N THR B 165 14.73 -29.41 22.59
CA THR B 165 13.58 -29.31 23.46
C THR B 165 12.64 -28.24 22.92
N GLY B 166 11.49 -28.67 22.40
CA GLY B 166 10.45 -27.70 22.12
C GLY B 166 10.16 -27.60 20.62
N GLU B 167 10.52 -28.64 19.87
CA GLU B 167 10.22 -28.71 18.44
C GLU B 167 8.72 -28.62 18.23
N GLY B 168 8.27 -27.66 17.42
CA GLY B 168 6.86 -27.41 17.19
C GLY B 168 6.22 -26.54 18.29
N GLN B 169 7.04 -25.89 19.13
CA GLN B 169 6.55 -24.95 20.14
C GLN B 169 7.15 -23.57 19.93
N ALA B 170 6.65 -22.57 20.68
CA ALA B 170 7.05 -21.18 20.54
C ALA B 170 8.44 -20.95 21.14
N ASP B 171 8.85 -21.79 22.11
CA ASP B 171 10.17 -21.75 22.73
C ASP B 171 10.95 -23.01 22.38
N LEU B 172 12.19 -22.83 21.86
CA LEU B 172 13.03 -23.95 21.44
C LEU B 172 14.40 -23.84 22.09
N THR B 173 14.90 -24.96 22.60
CA THR B 173 16.26 -25.04 23.14
C THR B 173 17.07 -26.01 22.29
N LEU B 174 18.29 -25.60 21.92
CA LEU B 174 19.30 -26.49 21.35
C LEU B 174 20.47 -26.60 22.34
N VAL B 175 20.85 -27.84 22.69
CA VAL B 175 21.93 -28.13 23.63
C VAL B 175 22.89 -29.15 23.01
N SER B 176 24.20 -28.89 23.11
CA SER B 176 25.20 -29.71 22.44
C SER B 176 26.55 -29.59 23.14
N PRO B 177 27.31 -30.72 23.32
CA PRO B 177 28.70 -30.62 23.74
C PRO B 177 29.60 -30.05 22.65
N GLY B 178 29.26 -30.33 21.39
CA GLY B 178 30.03 -29.85 20.26
C GLY B 178 29.46 -28.55 19.71
N LEU B 179 30.33 -27.53 19.62
CA LEU B 179 29.95 -26.23 19.06
C LEU B 179 29.66 -26.33 17.56
N ASP B 180 30.49 -27.06 16.80
CA ASP B 180 30.29 -27.36 15.38
C ASP B 180 28.90 -27.92 15.15
N GLN B 181 28.50 -28.90 15.98
CA GLN B 181 27.22 -29.57 15.87
C GLN B 181 26.08 -28.56 16.09
N LEU B 182 26.21 -27.74 17.14
CA LEU B 182 25.22 -26.73 17.48
C LEU B 182 24.97 -25.81 16.29
N ASN B 183 26.06 -25.32 15.69
CA ASN B 183 26.05 -24.38 14.58
C ASN B 183 25.46 -25.01 13.33
N ARG B 184 25.81 -26.28 13.06
CA ARG B 184 25.22 -27.00 11.94
C ARG B 184 23.71 -27.15 12.13
N GLN B 185 23.29 -27.36 13.39
CA GLN B 185 21.89 -27.53 13.73
C GLN B 185 21.15 -26.21 13.50
N LEU B 186 21.81 -25.10 13.87
CA LEU B 186 21.24 -23.78 13.69
C LEU B 186 21.03 -23.49 12.20
N GLN B 187 21.88 -24.05 11.32
CA GLN B 187 21.72 -23.88 9.88
C GLN B 187 20.43 -24.49 9.38
N LEU B 188 19.77 -25.29 10.23
CA LEU B 188 18.59 -26.05 9.83
C LEU B 188 17.32 -25.62 10.58
N VAL B 189 17.42 -24.54 11.37
CA VAL B 189 16.27 -24.08 12.15
C VAL B 189 15.20 -23.49 11.21
N THR B 190 13.96 -23.92 11.41
CA THR B 190 12.84 -23.39 10.64
C THR B 190 11.88 -22.61 11.55
N TYR B 191 11.28 -21.54 11.00
CA TYR B 191 10.17 -20.84 11.63
C TYR B 191 8.91 -21.09 10.81
N SER B 192 7.80 -21.36 11.53
CA SER B 192 6.48 -21.51 10.94
C SER B 192 5.50 -20.54 11.58
N SER B 193 4.78 -19.77 10.74
CA SER B 193 3.68 -18.92 11.20
C SER B 193 2.51 -19.79 11.61
N ARG B 194 1.93 -19.51 12.78
CA ARG B 194 0.98 -20.43 13.37
C ARG B 194 -0.42 -19.85 13.40
N SER B 195 -0.54 -18.52 13.37
CA SER B 195 -1.89 -17.95 13.30
C SER B 195 -1.96 -17.01 12.11
N TYR B 196 -3.16 -16.93 11.52
CA TYR B 196 -3.35 -16.13 10.32
C TYR B 196 -3.53 -14.66 10.69
N GLN B 197 -2.64 -13.81 10.16
CA GLN B 197 -2.88 -12.39 10.02
C GLN B 197 -2.36 -11.95 8.65
N THR B 198 -2.81 -10.77 8.21
CA THR B 198 -2.62 -10.36 6.82
C THR B 198 -1.22 -9.79 6.61
N ASN B 199 -0.78 -9.02 7.60
CA ASN B 199 0.42 -8.22 7.44
C ASN B 199 0.82 -7.74 8.82
N THR B 200 1.76 -8.46 9.44
CA THR B 200 2.20 -8.16 10.79
C THR B 200 3.66 -8.60 10.89
N ALA B 201 4.15 -8.72 12.11
CA ALA B 201 5.50 -9.22 12.31
C ALA B 201 5.62 -9.78 13.71
N ASP B 202 6.65 -10.59 13.89
CA ASP B 202 6.88 -11.29 15.12
C ASP B 202 8.31 -10.98 15.53
N THR B 203 8.48 -10.39 16.71
CA THR B 203 9.83 -10.18 17.22
C THR B 203 10.29 -11.42 18.01
N VAL B 204 11.23 -12.17 17.42
CA VAL B 204 11.87 -13.35 18.00
C VAL B 204 12.97 -12.96 18.99
N ARG B 205 13.26 -13.83 19.97
CA ARG B 205 14.43 -13.69 20.86
C ARG B 205 15.35 -14.89 20.68
N PHE B 206 16.64 -14.62 20.41
CA PHE B 206 17.70 -15.62 20.28
C PHE B 206 18.65 -15.32 21.44
N SER B 207 19.01 -16.36 22.20
CA SER B 207 19.68 -16.13 23.48
C SER B 207 20.56 -17.31 23.88
N THR B 208 21.59 -16.97 24.66
CA THR B 208 22.56 -17.89 25.22
C THR B 208 22.89 -17.32 26.60
N GLU B 209 23.82 -17.91 27.34
CA GLU B 209 24.00 -17.46 28.71
C GLU B 209 24.46 -16.00 28.72
N GLY B 210 23.70 -15.14 29.42
CA GLY B 210 24.05 -13.74 29.65
C GLY B 210 24.07 -12.85 28.39
N HIS B 211 23.45 -13.32 27.30
CA HIS B 211 23.34 -12.57 26.05
C HIS B 211 22.00 -12.81 25.38
N GLU B 212 21.51 -11.73 24.75
CA GLU B 212 20.16 -11.68 24.19
C GLU B 212 20.19 -10.88 22.89
N ALA B 213 19.52 -11.39 21.86
CA ALA B 213 19.37 -10.70 20.58
C ALA B 213 17.91 -10.75 20.15
N ALA B 214 17.34 -9.57 19.87
CA ALA B 214 16.00 -9.50 19.30
C ALA B 214 16.09 -9.19 17.80
N PHE B 215 15.17 -9.78 17.01
CA PHE B 215 15.04 -9.57 15.57
C PHE B 215 13.62 -9.94 15.15
N THR B 216 13.22 -9.45 13.98
CA THR B 216 11.82 -9.46 13.60
C THR B 216 11.63 -10.23 12.29
N ILE B 217 10.71 -11.19 12.31
CA ILE B 217 10.29 -11.84 11.09
C ILE B 217 8.99 -11.18 10.64
N ARG B 218 8.99 -10.72 9.39
CA ARG B 218 7.80 -10.11 8.83
C ARG B 218 6.87 -11.23 8.36
N ILE B 219 5.61 -11.17 8.76
CA ILE B 219 4.59 -12.13 8.34
C ILE B 219 3.61 -11.40 7.42
N ARG B 220 3.64 -11.71 6.13
CA ARG B 220 2.78 -11.01 5.17
C ARG B 220 2.70 -11.80 3.87
N HIS B 221 1.66 -11.50 3.08
CA HIS B 221 1.54 -12.04 1.73
C HIS B 221 2.44 -11.26 0.80
N PRO B 222 2.98 -11.88 -0.26
CA PRO B 222 3.71 -11.11 -1.27
C PRO B 222 2.76 -10.16 -2.00
N PRO B 223 3.21 -9.00 -2.52
CA PRO B 223 2.30 -7.99 -3.02
C PRO B 223 1.67 -8.36 -4.36
N ASN B 224 0.48 -7.82 -4.66
CA ASN B 224 -0.21 -8.14 -5.90
C ASN B 224 0.56 -7.47 -7.04
N PRO B 225 1.17 -8.20 -8.01
CA PRO B 225 2.04 -7.55 -8.99
C PRO B 225 1.28 -6.84 -10.11
N ARG B 226 0.00 -7.21 -10.31
CA ARG B 226 -0.96 -6.60 -11.23
C ARG B 226 -0.36 -6.32 -12.60
N LEU B 227 0.15 -7.37 -13.27
CA LEU B 227 0.85 -7.26 -14.54
C LEU B 227 -0.12 -7.05 -15.71
N TYR B 228 0.30 -6.20 -16.67
CA TYR B 228 -0.55 -5.91 -17.83
C TYR B 228 0.03 -6.59 -19.06
N PRO B 229 -0.78 -7.38 -19.81
CA PRO B 229 -0.34 -7.85 -21.12
C PRO B 229 0.02 -6.66 -22.02
N PRO B 230 1.08 -6.75 -22.87
CA PRO B 230 1.44 -5.65 -23.75
C PRO B 230 0.68 -5.57 -25.09
N GLY B 231 0.03 -6.66 -25.54
CA GLY B 231 -0.72 -6.63 -26.80
C GLY B 231 0.21 -6.64 -28.02
N GLN B 238 7.40 0.59 -31.97
CA GLN B 238 7.66 0.94 -30.54
C GLN B 238 6.44 0.66 -29.65
N TYR B 239 5.52 1.63 -29.42
CA TYR B 239 4.47 1.51 -28.41
C TYR B 239 3.07 1.54 -29.04
N ASN B 240 2.21 0.57 -28.69
CA ASN B 240 0.83 0.60 -29.14
C ASN B 240 0.03 1.50 -28.19
N ILE B 241 -0.22 2.74 -28.60
CA ILE B 241 -0.87 3.68 -27.70
C ILE B 241 -2.27 3.22 -27.27
N SER B 242 -3.05 2.65 -28.19
CA SER B 242 -4.41 2.17 -27.91
C SER B 242 -4.43 1.06 -26.84
N ALA B 243 -3.34 0.27 -26.78
CA ALA B 243 -3.22 -0.82 -25.84
C ALA B 243 -2.77 -0.30 -24.48
N LEU B 244 -1.96 0.76 -24.49
CA LEU B 244 -1.31 1.14 -23.26
C LEU B 244 -2.06 2.27 -22.56
N VAL B 245 -2.85 3.05 -23.33
CA VAL B 245 -3.34 4.33 -22.82
C VAL B 245 -4.85 4.42 -23.01
N THR B 246 -5.56 4.80 -21.93
CA THR B 246 -6.93 5.31 -22.01
C THR B 246 -6.96 6.80 -21.69
N ILE B 247 -7.75 7.59 -22.43
CA ILE B 247 -7.88 9.00 -22.13
C ILE B 247 -9.15 9.22 -21.33
N ALA B 248 -9.02 9.92 -20.19
CA ALA B 248 -10.17 10.13 -19.31
C ALA B 248 -10.43 11.62 -19.15
N THR B 249 -11.73 11.97 -19.17
CA THR B 249 -12.12 13.36 -18.93
C THR B 249 -13.48 13.40 -18.23
N LYS B 250 -13.86 14.59 -17.77
CA LYS B 250 -15.14 14.89 -17.15
C LYS B 250 -15.65 16.21 -17.72
N THR B 251 -16.94 16.21 -18.06
CA THR B 251 -17.54 17.36 -18.73
C THR B 251 -18.76 17.81 -17.95
N PHE B 252 -19.15 19.07 -18.13
CA PHE B 252 -20.42 19.54 -17.62
C PHE B 252 -20.95 20.67 -18.49
N LEU B 253 -22.01 20.37 -19.27
CA LEU B 253 -22.67 21.30 -20.15
C LEU B 253 -21.71 22.07 -21.05
N ARG B 254 -20.69 21.40 -21.59
CA ARG B 254 -19.72 22.09 -22.41
C ARG B 254 -19.36 21.22 -23.61
N TYR B 255 -20.43 20.81 -24.30
CA TYR B 255 -20.33 19.83 -25.36
C TYR B 255 -19.49 20.36 -26.52
N ASP B 256 -19.50 21.69 -26.71
CA ASP B 256 -18.70 22.31 -27.75
C ASP B 256 -17.22 22.01 -27.53
N ARG B 257 -16.73 22.32 -26.32
CA ARG B 257 -15.33 22.13 -25.96
C ARG B 257 -14.99 20.65 -26.08
N LEU B 258 -15.88 19.79 -25.56
CA LEU B 258 -15.68 18.35 -25.53
C LEU B 258 -15.57 17.76 -26.94
N ARG B 259 -16.42 18.22 -27.87
CA ARG B 259 -16.39 17.68 -29.23
C ARG B 259 -15.11 18.08 -29.96
N ALA B 260 -14.70 19.34 -29.76
CA ALA B 260 -13.43 19.85 -30.25
C ALA B 260 -12.28 18.96 -29.74
N LEU B 261 -12.33 18.62 -28.43
CA LEU B 261 -11.33 17.78 -27.82
C LEU B 261 -11.29 16.44 -28.54
N ILE B 262 -12.44 15.78 -28.68
CA ILE B 262 -12.49 14.45 -29.27
C ILE B 262 -11.99 14.49 -30.73
N THR B 263 -12.42 15.50 -31.48
CA THR B 263 -11.95 15.71 -32.84
C THR B 263 -10.43 15.87 -32.87
N SER B 264 -9.89 16.64 -31.91
CA SER B 264 -8.46 16.89 -31.92
C SER B 264 -7.71 15.61 -31.58
N ILE B 265 -8.23 14.84 -30.62
CA ILE B 265 -7.57 13.59 -30.24
C ILE B 265 -7.51 12.67 -31.46
N ARG B 266 -8.61 12.60 -32.20
CA ARG B 266 -8.76 11.67 -33.31
C ARG B 266 -7.82 12.04 -34.45
N ARG B 267 -7.44 13.32 -34.52
CA ARG B 267 -6.49 13.83 -35.50
C ARG B 267 -5.13 13.14 -35.35
N PHE B 268 -4.83 12.58 -34.16
CA PHE B 268 -3.53 11.97 -33.90
C PHE B 268 -3.65 10.53 -33.41
N TYR B 269 -4.78 10.19 -32.76
CA TYR B 269 -4.98 8.89 -32.14
C TYR B 269 -6.38 8.38 -32.48
N PRO B 270 -6.54 7.60 -33.57
CA PRO B 270 -7.86 7.23 -34.06
C PRO B 270 -8.55 6.16 -33.22
N THR B 271 -7.79 5.33 -32.49
CA THR B 271 -8.41 4.19 -31.82
C THR B 271 -8.18 4.19 -30.31
N VAL B 272 -7.58 5.25 -29.78
CA VAL B 272 -7.47 5.37 -28.32
C VAL B 272 -8.85 5.60 -27.73
N THR B 273 -9.19 4.82 -26.69
CA THR B 273 -10.47 4.97 -26.01
C THR B 273 -10.46 6.25 -25.18
N VAL B 274 -11.57 6.99 -25.32
CA VAL B 274 -11.84 8.17 -24.52
C VAL B 274 -13.04 7.86 -23.62
N VAL B 275 -12.80 7.93 -22.30
CA VAL B 275 -13.82 7.75 -21.28
C VAL B 275 -14.27 9.14 -20.79
N ILE B 276 -15.60 9.36 -20.80
CA ILE B 276 -16.16 10.67 -20.52
C ILE B 276 -17.20 10.55 -19.41
N ALA B 277 -16.89 11.11 -18.23
CA ALA B 277 -17.86 11.15 -17.16
C ALA B 277 -18.64 12.46 -17.29
N ASP B 278 -19.96 12.42 -17.06
CA ASP B 278 -20.79 13.57 -17.39
C ASP B 278 -21.90 13.71 -16.37
N ASP B 279 -22.01 14.88 -15.72
CA ASP B 279 -23.03 15.12 -14.71
C ASP B 279 -23.97 16.25 -15.13
N SER B 280 -24.07 16.52 -16.43
CA SER B 280 -25.01 17.47 -17.02
C SER B 280 -26.43 17.08 -16.63
N ASP B 281 -27.32 18.07 -16.43
CA ASP B 281 -28.72 17.81 -16.15
C ASP B 281 -29.43 17.19 -17.35
N LYS B 282 -29.30 17.83 -18.53
CA LYS B 282 -29.92 17.32 -19.74
C LYS B 282 -28.80 16.92 -20.69
N PRO B 283 -28.26 15.69 -20.56
CA PRO B 283 -27.10 15.29 -21.33
C PRO B 283 -27.38 15.13 -22.83
N GLU B 284 -26.50 15.72 -23.65
CA GLU B 284 -26.48 15.43 -25.08
C GLU B 284 -25.88 14.04 -25.31
N ARG B 285 -26.19 13.46 -26.47
CA ARG B 285 -25.52 12.24 -26.92
C ARG B 285 -24.08 12.54 -27.32
N VAL B 286 -23.15 11.80 -26.71
CA VAL B 286 -21.81 11.67 -27.23
C VAL B 286 -21.61 10.19 -27.54
N SER B 287 -21.28 9.89 -28.79
CA SER B 287 -20.76 8.58 -29.15
C SER B 287 -20.10 8.68 -30.51
N GLY B 288 -19.32 7.66 -30.84
CA GLY B 288 -18.38 7.65 -31.94
C GLY B 288 -17.43 6.51 -31.64
N PRO B 289 -16.56 6.07 -32.58
CA PRO B 289 -15.72 4.93 -32.29
C PRO B 289 -14.80 5.21 -31.11
N TYR B 290 -14.70 4.22 -30.22
CA TYR B 290 -13.79 4.24 -29.08
C TYR B 290 -14.10 5.39 -28.11
N VAL B 291 -15.37 5.76 -27.99
CA VAL B 291 -15.80 6.69 -26.97
C VAL B 291 -16.78 5.99 -26.02
N GLU B 292 -16.52 6.14 -24.72
CA GLU B 292 -17.39 5.60 -23.68
C GLU B 292 -17.91 6.76 -22.84
N HIS B 293 -19.23 6.94 -22.87
CA HIS B 293 -19.83 8.10 -22.21
C HIS B 293 -20.66 7.58 -21.05
N TYR B 294 -20.37 8.10 -19.84
CA TYR B 294 -21.00 7.70 -18.58
C TYR B 294 -21.80 8.89 -18.03
N LEU B 295 -23.09 8.63 -17.78
CA LEU B 295 -23.96 9.65 -17.22
C LEU B 295 -24.13 9.52 -15.70
N MET B 296 -23.94 10.65 -15.01
CA MET B 296 -23.98 10.73 -13.56
C MET B 296 -25.21 11.50 -13.12
N PRO B 297 -25.73 11.28 -11.89
CA PRO B 297 -26.75 12.16 -11.34
C PRO B 297 -26.32 13.60 -11.40
N PHE B 298 -27.26 14.50 -11.75
CA PHE B 298 -26.95 15.89 -12.03
C PHE B 298 -26.16 16.52 -10.88
N GLY B 299 -24.99 17.06 -11.22
CA GLY B 299 -24.19 17.87 -10.31
C GLY B 299 -23.52 17.05 -9.21
N LYS B 300 -23.33 15.76 -9.44
CA LYS B 300 -22.62 14.90 -8.50
C LYS B 300 -21.16 15.37 -8.35
N GLY B 301 -20.59 15.91 -9.43
CA GLY B 301 -19.46 16.83 -9.30
C GLY B 301 -18.17 16.35 -9.93
N TRP B 302 -17.14 17.18 -9.69
CA TRP B 302 -15.87 17.22 -10.36
C TRP B 302 -15.05 15.96 -10.06
N PHE B 303 -14.43 15.88 -8.87
CA PHE B 303 -13.63 14.71 -8.52
C PHE B 303 -14.43 13.40 -8.57
N ALA B 304 -15.72 13.43 -8.23
CA ALA B 304 -16.53 12.23 -8.36
C ALA B 304 -16.50 11.69 -9.79
N GLY B 305 -16.64 12.61 -10.76
CA GLY B 305 -16.61 12.29 -12.18
C GLY B 305 -15.25 11.78 -12.63
N ARG B 306 -14.16 12.33 -12.03
CA ARG B 306 -12.79 11.90 -12.31
C ARG B 306 -12.59 10.49 -11.78
N ASN B 307 -13.11 10.21 -10.58
CA ASN B 307 -13.05 8.91 -9.93
C ASN B 307 -13.81 7.90 -10.79
N LEU B 308 -14.98 8.33 -11.29
CA LEU B 308 -15.78 7.48 -12.13
C LEU B 308 -14.99 7.07 -13.38
N ALA B 309 -14.42 8.07 -14.09
CA ALA B 309 -13.70 7.85 -15.33
C ALA B 309 -12.54 6.87 -15.16
N VAL B 310 -11.71 7.07 -14.14
CA VAL B 310 -10.58 6.19 -13.92
C VAL B 310 -11.03 4.75 -13.57
N SER B 311 -12.22 4.60 -12.97
CA SER B 311 -12.62 3.30 -12.47
C SER B 311 -12.92 2.39 -13.66
N GLN B 312 -13.04 2.99 -14.86
CA GLN B 312 -13.46 2.29 -16.06
C GLN B 312 -12.28 1.94 -16.96
N VAL B 313 -11.07 2.37 -16.59
CA VAL B 313 -9.87 2.17 -17.38
C VAL B 313 -9.32 0.76 -17.18
N THR B 314 -9.06 0.10 -18.31
CA THR B 314 -8.53 -1.25 -18.38
C THR B 314 -7.06 -1.26 -18.85
N THR B 315 -6.46 -0.10 -19.13
CA THR B 315 -5.13 -0.08 -19.73
C THR B 315 -4.13 0.17 -18.62
N LYS B 316 -2.85 -0.10 -18.89
CA LYS B 316 -1.80 0.11 -17.90
C LYS B 316 -1.72 1.57 -17.49
N TYR B 317 -2.00 2.48 -18.44
CA TYR B 317 -1.87 3.91 -18.24
C TYR B 317 -3.18 4.64 -18.57
N VAL B 318 -3.38 5.79 -17.89
CA VAL B 318 -4.49 6.69 -18.09
C VAL B 318 -3.89 8.07 -18.31
N LEU B 319 -4.49 8.80 -19.24
CA LEU B 319 -4.16 10.20 -19.47
C LEU B 319 -5.34 11.06 -19.03
N TRP B 320 -5.09 11.97 -18.08
CA TRP B 320 -6.12 12.93 -17.74
C TRP B 320 -6.01 14.12 -18.67
N VAL B 321 -7.16 14.53 -19.25
CA VAL B 321 -7.28 15.78 -20.00
C VAL B 321 -8.56 16.45 -19.59
N ASP B 322 -8.55 17.80 -19.53
CA ASP B 322 -9.76 18.57 -19.24
C ASP B 322 -10.60 18.65 -20.50
N ASP B 323 -11.91 18.88 -20.34
CA ASP B 323 -12.80 18.92 -21.49
C ASP B 323 -12.53 20.15 -22.37
N ASP B 324 -11.74 21.13 -21.85
CA ASP B 324 -11.43 22.36 -22.57
C ASP B 324 -10.07 22.30 -23.26
N PHE B 325 -9.52 21.09 -23.45
CA PHE B 325 -8.21 20.97 -24.08
C PHE B 325 -8.34 20.65 -25.57
N VAL B 326 -7.20 20.81 -26.27
CA VAL B 326 -7.08 20.56 -27.69
C VAL B 326 -5.71 19.96 -27.98
N PHE B 327 -5.70 18.84 -28.72
CA PHE B 327 -4.46 18.19 -29.09
C PHE B 327 -3.87 18.91 -30.28
N THR B 328 -2.54 18.96 -30.34
CA THR B 328 -1.79 19.54 -31.46
C THR B 328 -0.65 18.56 -31.75
N ALA B 329 0.16 18.86 -32.76
CA ALA B 329 1.33 18.07 -33.11
C ALA B 329 2.27 17.94 -31.92
N ARG B 330 2.10 18.83 -30.92
CA ARG B 330 2.92 18.87 -29.72
C ARG B 330 2.44 17.86 -28.67
N THR B 331 1.21 17.33 -28.81
CA THR B 331 0.70 16.33 -27.89
C THR B 331 1.21 14.93 -28.23
N ARG B 332 2.51 14.72 -28.09
CA ARG B 332 3.13 13.46 -28.49
C ARG B 332 3.16 12.52 -27.28
N LEU B 333 2.08 11.71 -27.12
CA LEU B 333 1.84 10.95 -25.89
C LEU B 333 2.95 9.94 -25.66
N GLU B 334 3.55 9.50 -26.77
CA GLU B 334 4.60 8.50 -26.86
C GLU B 334 5.73 8.84 -25.89
N ARG B 335 5.98 10.15 -25.71
CA ARG B 335 7.11 10.61 -24.94
C ARG B 335 6.79 10.40 -23.46
N LEU B 336 5.54 10.70 -23.07
CA LEU B 336 5.09 10.45 -21.72
C LEU B 336 5.10 8.96 -21.41
N VAL B 337 4.61 8.13 -22.37
CA VAL B 337 4.65 6.69 -22.26
C VAL B 337 6.09 6.24 -21.99
N ASP B 338 7.02 6.79 -22.79
CA ASP B 338 8.42 6.46 -22.69
C ASP B 338 8.93 6.69 -21.27
N VAL B 339 8.50 7.79 -20.65
CA VAL B 339 9.01 8.17 -19.34
C VAL B 339 8.61 7.10 -18.34
N LEU B 340 7.34 6.67 -18.39
CA LEU B 340 6.77 5.78 -17.40
C LEU B 340 7.26 4.36 -17.65
N GLU B 341 7.51 4.05 -18.93
CA GLU B 341 8.10 2.79 -19.34
C GLU B 341 9.55 2.65 -18.87
N ARG B 342 10.30 3.76 -18.73
CA ARG B 342 11.73 3.70 -18.48
C ARG B 342 12.09 4.21 -17.08
N THR B 343 11.12 4.66 -16.27
CA THR B 343 11.46 5.21 -14.97
C THR B 343 10.50 4.68 -13.92
N PRO B 344 10.91 4.70 -12.63
CA PRO B 344 10.03 4.49 -11.49
C PRO B 344 8.95 5.53 -11.22
N LEU B 345 8.70 6.46 -12.13
CA LEU B 345 7.63 7.43 -11.91
C LEU B 345 6.28 6.75 -12.05
N ASP B 346 5.29 7.29 -11.35
CA ASP B 346 3.93 6.77 -11.42
C ASP B 346 3.07 7.69 -12.28
N LEU B 347 3.35 9.01 -12.15
CA LEU B 347 2.60 10.05 -12.83
C LEU B 347 3.58 11.03 -13.49
N VAL B 348 3.32 11.37 -14.76
CA VAL B 348 4.15 12.37 -15.47
C VAL B 348 3.25 13.41 -16.15
N GLY B 349 3.39 14.66 -15.71
CA GLY B 349 2.57 15.71 -16.27
C GLY B 349 3.24 16.29 -17.52
N GLY B 350 2.39 16.80 -18.42
CA GLY B 350 2.81 17.59 -19.58
C GLY B 350 2.70 19.08 -19.28
N ALA B 351 2.62 19.87 -20.35
CA ALA B 351 2.42 21.31 -20.23
C ALA B 351 1.14 21.70 -20.97
N VAL B 352 0.44 22.69 -20.41
CA VAL B 352 -0.78 23.21 -21.03
C VAL B 352 -0.47 24.62 -21.50
N ARG B 353 -0.74 24.88 -22.78
CA ARG B 353 -0.43 26.13 -23.42
C ARG B 353 -1.72 26.92 -23.61
N GLU B 354 -1.74 28.11 -22.97
CA GLU B 354 -2.83 29.05 -23.08
C GLU B 354 -2.82 29.70 -24.46
N ILE B 355 -3.97 30.22 -24.90
CA ILE B 355 -4.02 30.90 -26.20
C ILE B 355 -3.16 32.18 -26.19
N SER B 356 -2.82 32.71 -25.01
CA SER B 356 -1.80 33.75 -24.81
C SER B 356 -0.39 33.27 -25.16
N GLY B 357 -0.21 31.95 -25.41
CA GLY B 357 1.05 31.41 -25.92
C GLY B 357 1.97 30.86 -24.82
N PHE B 358 1.65 31.18 -23.56
CA PHE B 358 2.42 30.69 -22.43
C PHE B 358 1.96 29.26 -22.12
N ALA B 359 2.94 28.36 -21.90
CA ALA B 359 2.66 26.98 -21.50
C ALA B 359 3.11 26.72 -20.06
N THR B 360 2.20 26.24 -19.20
CA THR B 360 2.57 25.91 -17.83
C THR B 360 2.58 24.40 -17.59
N THR B 361 3.55 23.96 -16.78
CA THR B 361 3.62 22.59 -16.31
C THR B 361 3.04 22.50 -14.89
N TYR B 362 2.81 23.67 -14.30
CA TYR B 362 2.28 23.84 -12.94
C TYR B 362 2.99 22.97 -11.92
N ARG B 363 4.33 22.91 -11.96
CA ARG B 363 5.13 22.18 -11.00
C ARG B 363 5.01 22.75 -9.59
N GLN B 364 4.46 21.94 -8.66
CA GLN B 364 4.24 22.36 -7.30
C GLN B 364 4.96 21.44 -6.32
N LEU B 365 5.45 22.06 -5.24
CA LEU B 365 5.95 21.34 -4.08
C LEU B 365 4.92 21.45 -2.97
N LEU B 366 4.61 20.29 -2.36
CA LEU B 366 3.69 20.19 -1.23
C LEU B 366 4.39 19.48 -0.10
N SER B 367 4.47 20.13 1.05
CA SER B 367 5.05 19.45 2.20
C SER B 367 4.21 19.72 3.44
N VAL B 368 4.14 18.73 4.33
CA VAL B 368 3.49 18.96 5.60
C VAL B 368 4.54 19.05 6.70
N GLU B 369 4.40 20.06 7.55
CA GLU B 369 5.29 20.23 8.69
C GLU B 369 4.50 19.95 9.95
N PRO B 370 5.14 19.26 10.93
CA PRO B 370 4.49 18.92 12.20
C PRO B 370 4.13 20.14 13.05
N GLY B 371 2.84 20.19 13.42
CA GLY B 371 2.33 21.26 14.25
C GLY B 371 2.00 20.77 15.65
N ALA B 372 1.49 21.71 16.46
CA ALA B 372 1.16 21.49 17.84
C ALA B 372 0.26 20.27 17.96
N PRO B 373 0.49 19.39 18.99
CA PRO B 373 -0.21 18.10 19.03
C PRO B 373 -1.73 18.28 19.12
N GLY B 374 -2.48 17.87 18.08
CA GLY B 374 -3.93 17.98 18.16
C GLY B 374 -4.55 19.34 17.74
N LEU B 375 -3.71 20.32 17.36
CA LEU B 375 -4.16 21.39 16.50
C LEU B 375 -4.10 20.89 15.07
N GLY B 376 -3.03 20.14 14.79
CA GLY B 376 -2.80 19.58 13.47
C GLY B 376 -1.53 20.17 12.85
N ASN B 377 -1.25 19.72 11.63
CA ASN B 377 -0.03 20.05 10.92
C ASN B 377 -0.26 21.22 9.98
N CYS B 378 0.84 21.70 9.39
CA CYS B 378 0.83 22.84 8.48
C CYS B 378 1.24 22.40 7.07
N LEU B 379 0.39 22.66 6.07
CA LEU B 379 0.72 22.39 4.67
C LEU B 379 1.39 23.60 3.99
N ARG B 380 2.52 23.35 3.31
CA ARG B 380 3.23 24.38 2.59
C ARG B 380 3.17 24.04 1.10
N GLN B 381 2.48 24.88 0.33
CA GLN B 381 2.49 24.82 -1.13
C GLN B 381 3.36 25.94 -1.71
N ARG B 382 4.28 25.55 -2.60
CA ARG B 382 5.08 26.53 -3.32
C ARG B 382 5.41 25.98 -4.71
N ARG B 383 5.54 26.90 -5.68
CA ARG B 383 5.95 26.58 -7.06
C ARG B 383 7.38 26.04 -7.03
N GLY B 384 7.66 25.02 -7.83
CA GLY B 384 9.00 24.45 -7.84
C GLY B 384 9.00 22.96 -8.15
N PHE B 385 10.18 22.34 -8.06
CA PHE B 385 10.39 20.92 -8.30
C PHE B 385 11.57 20.44 -7.47
N HIS B 386 11.85 19.12 -7.43
CA HIS B 386 12.90 18.62 -6.56
C HIS B 386 14.24 18.59 -7.28
N HIS B 387 14.28 17.97 -8.46
CA HIS B 387 15.49 17.79 -9.25
C HIS B 387 15.09 17.40 -10.67
N GLU B 388 16.05 17.54 -11.58
CA GLU B 388 15.86 17.16 -12.98
C GLU B 388 15.85 15.63 -13.04
N LEU B 389 15.07 15.11 -14.00
CA LEU B 389 14.94 13.68 -14.20
C LEU B 389 16.07 13.25 -15.10
N VAL B 390 17.10 12.60 -14.51
CA VAL B 390 18.30 12.27 -15.27
C VAL B 390 17.97 11.39 -16.48
N GLY B 391 18.49 11.80 -17.65
CA GLY B 391 18.31 11.10 -18.90
C GLY B 391 17.18 11.66 -19.75
N PHE B 392 16.33 12.52 -19.16
CA PHE B 392 15.14 12.99 -19.86
C PHE B 392 15.12 14.51 -19.79
N PRO B 393 15.84 15.22 -20.69
CA PRO B 393 15.80 16.67 -20.70
C PRO B 393 14.39 17.22 -20.75
N GLY B 394 14.13 18.27 -19.98
CA GLY B 394 12.84 18.90 -20.00
C GLY B 394 11.93 18.36 -18.91
N CYS B 395 12.40 17.32 -18.19
CA CYS B 395 11.59 16.65 -17.17
C CYS B 395 12.19 16.80 -15.78
N VAL B 396 11.32 16.99 -14.79
CA VAL B 396 11.74 17.12 -13.41
C VAL B 396 10.89 16.19 -12.55
N VAL B 397 11.30 16.09 -11.28
CA VAL B 397 10.56 15.37 -10.26
C VAL B 397 9.98 16.43 -9.32
N THR B 398 8.70 16.30 -8.97
CA THR B 398 8.01 17.29 -8.14
C THR B 398 6.86 16.62 -7.38
N ASP B 399 6.01 17.41 -6.71
CA ASP B 399 4.92 16.86 -5.90
C ASP B 399 3.59 16.93 -6.65
N GLY B 400 3.42 17.94 -7.52
CA GLY B 400 2.15 18.10 -8.22
C GLY B 400 2.38 18.80 -9.55
N VAL B 401 1.39 18.69 -10.46
CA VAL B 401 1.51 19.20 -11.81
C VAL B 401 0.14 19.65 -12.31
N VAL B 402 0.13 20.23 -13.51
CA VAL B 402 -1.11 20.66 -14.15
C VAL B 402 -1.94 19.42 -14.50
N ASN B 403 -3.24 19.62 -14.73
CA ASN B 403 -4.13 18.53 -15.10
C ASN B 403 -3.98 18.12 -16.57
N PHE B 404 -2.74 17.91 -16.97
CA PHE B 404 -2.51 17.10 -18.15
C PHE B 404 -1.40 16.15 -17.76
N PHE B 405 -1.75 14.86 -17.63
CA PHE B 405 -0.73 13.91 -17.19
C PHE B 405 -1.09 12.49 -17.59
N LEU B 406 -0.04 11.70 -17.80
CA LEU B 406 -0.11 10.27 -17.99
C LEU B 406 0.31 9.60 -16.68
N ALA B 407 -0.41 8.54 -16.30
CA ALA B 407 -0.07 7.85 -15.04
C ALA B 407 -0.46 6.39 -15.13
N ARG B 408 0.20 5.59 -14.30
CA ARG B 408 -0.18 4.22 -14.06
C ARG B 408 -1.59 4.20 -13.49
N THR B 409 -2.54 3.52 -14.16
CA THR B 409 -3.95 3.52 -13.76
C THR B 409 -4.07 3.11 -12.31
N ASP B 410 -3.37 2.05 -11.94
CA ASP B 410 -3.49 1.48 -10.61
C ASP B 410 -3.11 2.49 -9.54
N LYS B 411 -2.04 3.26 -9.77
CA LYS B 411 -1.57 4.22 -8.77
C LYS B 411 -2.58 5.35 -8.63
N VAL B 412 -3.18 5.77 -9.74
CA VAL B 412 -4.22 6.79 -9.74
C VAL B 412 -5.44 6.31 -8.96
N ARG B 413 -5.78 5.02 -9.09
CA ARG B 413 -6.95 4.50 -8.41
C ARG B 413 -6.63 4.31 -6.94
N GLU B 414 -5.37 3.92 -6.68
CA GLU B 414 -4.86 3.75 -5.33
C GLU B 414 -5.03 5.06 -4.55
N VAL B 415 -4.76 6.20 -5.19
CA VAL B 415 -4.89 7.48 -4.50
C VAL B 415 -6.32 8.00 -4.52
N GLY B 416 -6.97 7.92 -5.68
CA GLY B 416 -8.37 8.26 -5.86
C GLY B 416 -8.61 9.76 -5.99
N PHE B 417 -9.68 10.10 -6.71
CA PHE B 417 -10.17 11.47 -6.71
C PHE B 417 -11.33 11.50 -5.74
N ASP B 418 -11.10 12.07 -4.56
CA ASP B 418 -12.08 12.01 -3.49
C ASP B 418 -13.42 12.53 -4.01
N PRO B 419 -14.45 11.68 -4.06
CA PRO B 419 -15.72 12.09 -4.65
C PRO B 419 -16.43 13.22 -3.91
N ARG B 420 -15.91 13.57 -2.73
CA ARG B 420 -16.46 14.66 -1.93
C ARG B 420 -16.09 16.02 -2.53
N LEU B 421 -15.00 16.10 -3.31
CA LEU B 421 -14.57 17.36 -3.85
C LEU B 421 -15.35 17.72 -5.11
N SER B 422 -16.54 18.31 -4.95
CA SER B 422 -17.51 18.32 -6.05
C SER B 422 -17.40 19.53 -6.98
N ARG B 423 -16.63 20.55 -6.59
CA ARG B 423 -16.74 21.79 -7.34
C ARG B 423 -15.35 22.23 -7.82
N VAL B 424 -14.48 22.49 -6.86
CA VAL B 424 -13.24 23.17 -7.14
C VAL B 424 -12.16 22.44 -6.36
N ALA B 425 -11.30 21.78 -7.14
CA ALA B 425 -10.14 21.09 -6.60
C ALA B 425 -9.12 20.82 -7.70
N HIS B 426 -7.87 20.70 -7.25
CA HIS B 426 -6.83 20.33 -8.17
C HIS B 426 -5.71 19.63 -7.41
N LEU B 427 -5.04 20.39 -6.56
CA LEU B 427 -3.84 19.96 -5.86
C LEU B 427 -4.19 18.92 -4.81
N GLU B 428 -5.48 18.87 -4.46
CA GLU B 428 -5.96 17.96 -3.44
C GLU B 428 -5.62 16.52 -3.79
N PHE B 429 -5.66 16.20 -5.09
CA PHE B 429 -5.27 14.88 -5.54
C PHE B 429 -3.81 14.57 -5.18
N PHE B 430 -2.91 15.51 -5.51
CA PHE B 430 -1.49 15.34 -5.33
C PHE B 430 -1.15 15.26 -3.85
N LEU B 431 -1.98 15.94 -3.04
CA LEU B 431 -1.81 15.94 -1.60
C LEU B 431 -2.25 14.59 -1.04
N ASP B 432 -3.38 14.06 -1.51
CA ASP B 432 -3.83 12.74 -1.12
C ASP B 432 -2.79 11.70 -1.48
N GLY B 433 -2.05 11.93 -2.58
CA GLY B 433 -1.07 10.96 -3.06
C GLY B 433 0.33 11.21 -2.48
N LEU B 434 0.48 12.29 -1.70
CA LEU B 434 1.82 12.75 -1.33
C LEU B 434 2.60 11.64 -0.64
N GLY B 435 3.74 11.27 -1.23
CA GLY B 435 4.60 10.23 -0.66
C GLY B 435 4.34 8.89 -1.35
N SER B 436 3.10 8.68 -1.76
CA SER B 436 2.67 7.41 -2.29
C SER B 436 2.89 7.42 -3.81
N LEU B 437 2.81 8.60 -4.42
CA LEU B 437 2.75 8.74 -5.88
C LEU B 437 4.03 9.43 -6.37
N ARG B 438 4.75 8.84 -7.32
CA ARG B 438 6.03 9.37 -7.80
C ARG B 438 5.79 10.28 -9.01
N VAL B 439 5.96 11.59 -8.77
CA VAL B 439 5.48 12.59 -9.72
C VAL B 439 6.59 13.24 -10.56
N GLY B 440 6.38 13.28 -11.88
CA GLY B 440 7.30 13.94 -12.79
C GLY B 440 6.59 14.92 -13.72
N SER B 441 7.35 15.75 -14.41
CA SER B 441 6.75 16.77 -15.25
C SER B 441 7.66 17.08 -16.43
N CYS B 442 7.16 16.90 -17.65
CA CYS B 442 7.93 17.16 -18.85
C CYS B 442 7.32 18.35 -19.60
N SER B 443 8.18 19.31 -19.97
CA SER B 443 7.76 20.59 -20.52
C SER B 443 7.45 20.50 -22.00
N ASP B 444 7.88 19.40 -22.64
CA ASP B 444 7.96 19.30 -24.10
C ASP B 444 6.75 18.58 -24.67
N VAL B 445 5.89 17.99 -23.82
CA VAL B 445 4.65 17.40 -24.31
C VAL B 445 3.51 18.36 -23.97
N VAL B 446 2.83 18.87 -25.00
CA VAL B 446 2.12 20.13 -24.85
C VAL B 446 0.71 19.96 -25.42
N VAL B 447 -0.26 20.49 -24.68
CA VAL B 447 -1.65 20.47 -25.09
C VAL B 447 -2.16 21.90 -25.02
N ASP B 448 -3.14 22.25 -25.84
CA ASP B 448 -3.58 23.64 -25.87
C ASP B 448 -4.82 23.77 -25.01
N HIS B 449 -4.96 24.92 -24.34
CA HIS B 449 -6.15 25.23 -23.56
C HIS B 449 -7.04 26.20 -24.33
N ALA B 450 -8.29 25.78 -24.63
CA ALA B 450 -9.30 26.61 -25.27
C ALA B 450 -9.64 27.84 -24.42
N SER B 451 -9.87 28.95 -25.14
CA SER B 451 -9.76 30.31 -24.62
C SER B 451 -10.39 30.46 -23.23
N ASP B 477 -17.47 31.47 0.19
CA ASP B 477 -18.52 30.49 -0.23
C ASP B 477 -18.58 29.32 0.75
N GLU B 478 -19.81 28.83 0.99
CA GLU B 478 -20.03 27.67 1.83
C GLU B 478 -19.13 26.52 1.37
N SER B 479 -19.04 26.30 0.06
CA SER B 479 -18.25 25.19 -0.45
C SER B 479 -16.78 25.32 -0.06
N GLN B 480 -16.23 26.55 0.00
CA GLN B 480 -14.87 26.80 0.45
C GLN B 480 -14.70 26.36 1.91
N MET B 481 -15.64 26.79 2.76
CA MET B 481 -15.67 26.45 4.17
C MET B 481 -15.74 24.94 4.35
N ALA B 482 -16.64 24.29 3.61
CA ALA B 482 -16.79 22.85 3.65
C ALA B 482 -15.47 22.15 3.34
N LYS B 483 -14.79 22.62 2.30
CA LYS B 483 -13.58 21.96 1.85
C LYS B 483 -12.52 22.15 2.94
N HIS B 484 -12.58 23.29 3.62
CA HIS B 484 -11.58 23.56 4.64
C HIS B 484 -11.76 22.60 5.80
N ARG B 485 -13.02 22.37 6.21
CA ARG B 485 -13.34 21.44 7.28
C ARG B 485 -12.89 20.03 6.91
N LEU B 486 -13.19 19.65 5.65
CA LEU B 486 -12.83 18.36 5.12
C LEU B 486 -11.31 18.18 5.17
N LEU B 487 -10.55 19.16 4.69
CA LEU B 487 -9.10 19.02 4.65
C LEU B 487 -8.53 18.95 6.07
N PHE B 488 -9.24 19.56 7.05
CA PHE B 488 -8.84 19.59 8.44
C PHE B 488 -8.76 18.16 8.98
N PHE B 489 -9.89 17.43 8.89
CA PHE B 489 -9.96 16.04 9.33
C PHE B 489 -9.04 15.16 8.50
N LYS B 490 -9.46 15.00 7.23
CA LYS B 490 -8.79 14.16 6.24
C LYS B 490 -7.27 14.15 6.44
N HIS B 491 -6.64 15.33 6.54
CA HIS B 491 -5.19 15.44 6.53
C HIS B 491 -4.62 15.96 7.85
N ARG B 492 -5.47 16.05 8.89
CA ARG B 492 -4.95 16.47 10.18
C ARG B 492 -4.18 17.80 10.05
N LEU B 493 -4.79 18.80 9.44
CA LEU B 493 -4.11 20.05 9.17
C LEU B 493 -4.81 21.14 9.97
N GLN B 494 -4.05 22.17 10.39
CA GLN B 494 -4.64 23.31 11.08
C GLN B 494 -4.67 24.50 10.15
N CYS B 495 -3.71 24.54 9.23
CA CYS B 495 -3.47 25.69 8.39
C CYS B 495 -2.65 25.28 7.16
N MET B 496 -2.59 26.18 6.19
CA MET B 496 -1.79 26.00 5.00
C MET B 496 -1.29 27.35 4.51
N THR B 497 -0.11 27.34 3.88
CA THR B 497 0.39 28.52 3.18
C THR B 497 0.53 28.18 1.69
N SER B 498 0.09 29.15 0.88
CA SER B 498 0.19 29.15 -0.57
C SER B 498 1.19 30.22 -1.01
N GLN B 499 2.06 29.90 -1.98
CA GLN B 499 3.15 30.76 -2.48
C GLN B 499 3.33 30.55 -4.00
#